data_1EJQ
#
_entry.id   1EJQ
#
_cell.length_a   1.000
_cell.length_b   1.000
_cell.length_c   1.000
_cell.angle_alpha   90.00
_cell.angle_beta   90.00
_cell.angle_gamma   90.00
#
_symmetry.space_group_name_H-M   'P 1'
#
_entity_poly.entity_id   1
_entity_poly.type   'polypeptide(L)'
_entity_poly.pdbx_seq_one_letter_code
;RMKKKDEGSYDLGKKPIYKKAPTNEFYA
;
_entity_poly.pdbx_strand_id   A,B
#
# COMPACT_ATOMS: atom_id res chain seq x y z
N ARG A 1 -7.23 5.99 8.61
CA ARG A 1 -7.25 6.99 7.50
C ARG A 1 -8.45 7.92 7.62
N MET A 2 -8.24 9.13 8.06
CA MET A 2 -9.38 10.08 8.21
C MET A 2 -9.89 10.51 6.83
N LYS A 3 -10.30 11.74 6.70
CA LYS A 3 -10.81 12.22 5.38
C LYS A 3 -9.84 11.84 4.27
N LYS A 4 -10.26 11.92 3.03
CA LYS A 4 -9.36 11.56 1.90
C LYS A 4 -9.67 12.44 0.68
N LYS A 5 -8.94 12.25 -0.39
CA LYS A 5 -9.18 13.07 -1.60
C LYS A 5 -8.53 12.42 -2.82
N ASP A 6 -9.27 11.64 -3.55
CA ASP A 6 -8.69 10.97 -4.76
C ASP A 6 -9.61 11.16 -5.96
N GLU A 7 -10.00 12.37 -6.25
CA GLU A 7 -10.90 12.62 -7.41
C GLU A 7 -10.08 12.74 -8.70
N GLY A 8 -8.82 12.40 -8.65
CA GLY A 8 -7.98 12.50 -9.88
C GLY A 8 -7.55 11.11 -10.32
N SER A 9 -8.26 10.53 -11.25
CA SER A 9 -7.90 9.16 -11.73
C SER A 9 -6.65 9.22 -12.59
N TYR A 10 -5.68 8.40 -12.29
CA TYR A 10 -4.42 8.40 -13.10
C TYR A 10 -3.67 7.08 -12.93
N ASP A 11 -2.96 6.93 -11.85
CA ASP A 11 -2.22 5.67 -11.61
C ASP A 11 -1.95 5.46 -10.12
N LEU A 12 -2.99 5.44 -9.32
CA LEU A 12 -2.78 5.24 -7.86
C LEU A 12 -4.13 4.96 -7.18
N GLY A 13 -4.14 4.11 -6.19
CA GLY A 13 -5.42 3.79 -5.48
C GLY A 13 -5.10 3.15 -4.13
N LYS A 14 -4.27 2.15 -4.11
CA LYS A 14 -3.93 1.48 -2.82
C LYS A 14 -2.66 2.10 -2.22
N LYS A 15 -2.50 2.02 -0.93
CA LYS A 15 -1.29 2.60 -0.29
C LYS A 15 -0.61 1.56 0.61
N PRO A 16 0.64 1.81 0.89
CA PRO A 16 1.41 0.88 1.75
C PRO A 16 0.97 1.02 3.21
N ILE A 17 1.24 0.01 4.01
CA ILE A 17 0.83 0.09 5.44
C ILE A 17 1.68 -0.88 6.27
N TYR A 18 2.96 -0.69 6.29
CA TYR A 18 3.85 -1.60 7.09
C TYR A 18 3.77 -1.25 8.57
N LYS A 19 3.28 -2.15 9.38
CA LYS A 19 3.18 -1.87 10.84
C LYS A 19 2.40 -2.99 11.54
N LYS A 20 3.02 -4.13 11.72
CA LYS A 20 2.32 -5.26 12.40
C LYS A 20 3.12 -5.71 13.63
N ALA A 21 2.60 -6.67 14.36
CA ALA A 21 3.34 -7.15 15.56
C ALA A 21 2.84 -8.54 15.96
N PRO A 22 2.77 -9.41 14.98
CA PRO A 22 2.30 -10.79 15.23
C PRO A 22 3.37 -11.59 15.98
N THR A 23 4.49 -10.99 16.27
CA THR A 23 5.57 -11.71 17.00
C THR A 23 6.75 -10.78 17.25
N ASN A 24 7.95 -11.32 17.28
CA ASN A 24 9.14 -10.46 17.52
C ASN A 24 10.28 -10.87 16.58
N GLU A 25 10.04 -10.87 15.29
CA GLU A 25 11.11 -11.25 14.33
C GLU A 25 11.10 -10.31 13.13
N PHE A 26 12.20 -10.18 12.44
CA PHE A 26 12.25 -9.28 11.26
C PHE A 26 12.81 -10.03 10.05
N TYR A 27 12.01 -10.20 9.03
CA TYR A 27 12.49 -10.93 7.82
C TYR A 27 12.52 -9.98 6.62
N ALA A 28 13.61 -9.97 5.90
CA ALA A 28 13.71 -9.06 4.71
C ALA A 28 14.96 -9.41 3.89
N ARG B 1 8.95 -8.10 -4.01
CA ARG B 1 8.07 -8.03 -5.21
C ARG B 1 8.86 -8.44 -6.46
N MET B 2 8.62 -9.63 -6.95
CA MET B 2 9.36 -10.10 -8.16
C MET B 2 8.88 -9.33 -9.40
N LYS B 3 8.81 -9.98 -10.53
CA LYS B 3 8.34 -9.29 -11.76
C LYS B 3 7.05 -8.52 -11.48
N LYS B 4 6.67 -7.64 -12.37
CA LYS B 4 5.43 -6.85 -12.15
C LYS B 4 4.75 -6.56 -13.50
N LYS B 5 3.63 -5.89 -13.47
CA LYS B 5 2.93 -5.57 -14.75
C LYS B 5 1.89 -4.47 -14.53
N ASP B 6 2.27 -3.23 -14.76
CA ASP B 6 1.31 -2.11 -14.56
C ASP B 6 1.32 -1.19 -15.78
N GLU B 7 1.15 -1.74 -16.95
CA GLU B 7 1.13 -0.89 -18.18
C GLU B 7 -0.27 -0.31 -18.41
N GLY B 8 -1.14 -0.44 -17.45
CA GLY B 8 -2.53 0.10 -17.62
C GLY B 8 -2.73 1.27 -16.65
N SER B 9 -2.56 2.48 -17.11
CA SER B 9 -2.75 3.65 -16.21
C SER B 9 -4.25 3.87 -15.95
N TYR B 10 -4.63 4.00 -14.72
CA TYR B 10 -6.08 4.21 -14.40
C TYR B 10 -6.22 4.81 -13.00
N ASP B 11 -6.13 4.00 -11.98
CA ASP B 11 -6.27 4.52 -10.60
C ASP B 11 -5.58 3.58 -9.60
N LEU B 12 -4.31 3.33 -9.78
CA LEU B 12 -3.60 2.42 -8.85
C LEU B 12 -2.09 2.51 -9.09
N GLY B 13 -1.31 2.42 -8.04
CA GLY B 13 0.17 2.49 -8.20
C GLY B 13 0.85 1.94 -6.95
N LYS B 14 0.46 2.40 -5.80
CA LYS B 14 1.09 1.90 -4.54
C LYS B 14 0.27 0.75 -3.97
N LYS B 15 0.89 -0.11 -3.21
CA LYS B 15 0.15 -1.27 -2.61
C LYS B 15 0.39 -1.33 -1.10
N PRO B 16 -0.50 -2.01 -0.43
CA PRO B 16 -0.38 -2.15 1.04
C PRO B 16 0.75 -3.12 1.40
N ILE B 17 1.24 -3.04 2.60
CA ILE B 17 2.35 -3.95 3.02
C ILE B 17 2.40 -4.07 4.54
N TYR B 18 1.35 -4.54 5.14
CA TYR B 18 1.33 -4.68 6.63
C TYR B 18 2.15 -5.91 7.06
N LYS B 19 3.22 -5.70 7.78
CA LYS B 19 4.04 -6.86 8.23
C LYS B 19 5.33 -6.37 8.88
N LYS B 20 5.24 -5.86 10.08
CA LYS B 20 6.46 -5.36 10.77
C LYS B 20 6.64 -6.08 12.12
N ALA B 21 7.70 -5.79 12.82
CA ALA B 21 7.93 -6.45 14.14
C ALA B 21 8.90 -5.63 14.98
N PRO B 22 8.63 -4.36 15.07
CA PRO B 22 9.49 -3.45 15.86
C PRO B 22 9.28 -3.68 17.36
N THR B 23 8.41 -4.58 17.71
CA THR B 23 8.15 -4.84 19.16
C THR B 23 7.12 -5.97 19.31
N ASN B 24 6.34 -5.92 20.36
CA ASN B 24 5.31 -6.98 20.57
C ASN B 24 4.00 -6.36 21.03
N GLU B 25 3.47 -5.43 20.28
CA GLU B 25 2.18 -4.79 20.69
C GLU B 25 1.27 -4.62 19.47
N PHE B 26 -0.01 -4.52 19.68
CA PHE B 26 -0.95 -4.36 18.54
C PHE B 26 -1.88 -3.17 18.77
N TYR B 27 -1.77 -2.15 17.97
CA TYR B 27 -2.64 -0.95 18.15
C TYR B 27 -3.59 -0.81 16.95
N ALA B 28 -4.85 -0.60 17.21
CA ALA B 28 -5.82 -0.45 16.10
C ALA B 28 -7.18 0.02 16.63
N ARG A 1 9.96 15.50 -13.78
CA ARG A 1 8.54 15.56 -14.24
C ARG A 1 7.89 16.88 -13.80
N MET A 2 7.13 17.48 -14.67
CA MET A 2 6.47 18.77 -14.30
C MET A 2 5.08 18.52 -13.71
N LYS A 3 5.02 17.77 -12.63
CA LYS A 3 3.69 17.48 -12.01
C LYS A 3 2.72 16.94 -13.06
N LYS A 4 1.45 17.08 -12.83
CA LYS A 4 0.45 16.57 -13.81
C LYS A 4 0.10 17.67 -14.82
N LYS A 5 1.08 18.27 -15.43
CA LYS A 5 0.81 19.34 -16.43
C LYS A 5 0.28 18.73 -17.73
N ASP A 6 1.02 17.83 -18.32
CA ASP A 6 0.56 17.19 -19.59
C ASP A 6 -0.67 16.33 -19.32
N GLU A 7 -1.44 16.06 -20.34
CA GLU A 7 -2.66 15.22 -20.15
C GLU A 7 -2.29 13.74 -20.10
N GLY A 8 -2.76 13.04 -19.11
CA GLY A 8 -2.42 11.59 -19.01
C GLY A 8 -3.40 10.91 -18.04
N SER A 9 -3.28 9.63 -17.85
CA SER A 9 -4.18 8.92 -16.91
C SER A 9 -3.61 8.95 -15.49
N TYR A 10 -4.36 8.47 -14.53
CA TYR A 10 -3.84 8.47 -13.13
C TYR A 10 -3.18 7.13 -12.81
N ASP A 11 -2.50 7.05 -11.70
CA ASP A 11 -1.83 5.77 -11.33
C ASP A 11 -1.72 5.66 -9.81
N LEU A 12 -2.83 5.50 -9.13
CA LEU A 12 -2.80 5.39 -7.65
C LEU A 12 -4.15 4.89 -7.12
N GLY A 13 -4.13 4.06 -6.12
CA GLY A 13 -5.42 3.54 -5.57
C GLY A 13 -5.18 2.93 -4.19
N LYS A 14 -4.20 2.07 -4.07
CA LYS A 14 -3.92 1.44 -2.76
C LYS A 14 -2.68 2.08 -2.11
N LYS A 15 -2.54 1.96 -0.83
CA LYS A 15 -1.36 2.56 -0.14
C LYS A 15 -0.68 1.52 0.75
N PRO A 16 0.52 1.83 1.14
CA PRO A 16 1.30 0.91 2.01
C PRO A 16 0.75 0.92 3.43
N ILE A 17 1.08 -0.08 4.21
CA ILE A 17 0.58 -0.13 5.61
C ILE A 17 1.48 -1.03 6.46
N TYR A 18 2.77 -0.75 6.47
CA TYR A 18 3.70 -1.58 7.26
C TYR A 18 3.60 -1.21 8.75
N LYS A 19 2.94 -2.03 9.54
CA LYS A 19 2.80 -1.72 10.99
C LYS A 19 2.37 -2.96 11.76
N LYS A 20 2.59 -4.13 11.21
CA LYS A 20 2.18 -5.37 11.93
C LYS A 20 2.75 -5.37 13.35
N ALA A 21 2.12 -6.07 14.26
CA ALA A 21 2.63 -6.11 15.66
C ALA A 21 2.42 -7.50 16.26
N PRO A 22 3.17 -8.44 15.77
CA PRO A 22 3.07 -9.84 16.25
C PRO A 22 3.72 -9.96 17.64
N THR A 23 3.97 -11.16 18.08
CA THR A 23 4.60 -11.35 19.42
C THR A 23 6.12 -11.43 19.27
N ASN A 24 6.63 -12.60 19.03
CA ASN A 24 8.11 -12.76 18.87
C ASN A 24 8.42 -13.67 17.68
N GLU A 25 8.08 -13.25 16.49
CA GLU A 25 8.36 -14.10 15.30
C GLU A 25 9.68 -13.66 14.64
N PHE A 26 10.66 -14.53 14.63
CA PHE A 26 11.96 -14.17 13.99
C PHE A 26 12.58 -15.39 13.31
N TYR A 27 12.66 -16.50 13.99
CA TYR A 27 13.24 -17.71 13.36
C TYR A 27 12.16 -18.50 12.61
N ALA A 28 11.63 -17.93 11.56
CA ALA A 28 10.57 -18.64 10.78
C ALA A 28 10.87 -18.55 9.29
N ARG B 1 -19.73 -3.61 -11.24
CA ARG B 1 -18.88 -3.00 -12.30
C ARG B 1 -18.50 -4.05 -13.35
N MET B 2 -18.55 -3.69 -14.60
CA MET B 2 -18.19 -4.69 -15.67
C MET B 2 -16.70 -4.57 -16.00
N LYS B 3 -15.84 -4.78 -15.03
CA LYS B 3 -14.38 -4.69 -15.30
C LYS B 3 -14.04 -3.37 -15.99
N LYS B 4 -12.95 -3.33 -16.70
CA LYS B 4 -12.57 -2.06 -17.40
C LYS B 4 -13.16 -2.05 -18.81
N LYS B 5 -14.44 -2.28 -18.93
CA LYS B 5 -15.07 -2.27 -20.29
C LYS B 5 -15.20 -0.84 -20.80
N ASP B 6 -15.86 0.01 -20.06
CA ASP B 6 -16.02 1.43 -20.50
C ASP B 6 -14.67 2.13 -20.51
N GLU B 7 -14.56 3.21 -21.25
CA GLU B 7 -13.25 3.94 -21.30
C GLU B 7 -13.11 4.85 -20.07
N GLY B 8 -12.00 4.76 -19.39
CA GLY B 8 -11.80 5.61 -18.19
C GLY B 8 -10.32 5.64 -17.82
N SER B 9 -9.95 6.37 -16.81
CA SER B 9 -8.52 6.43 -16.40
C SER B 9 -8.19 5.31 -15.42
N TYR B 10 -6.95 5.16 -15.07
CA TYR B 10 -6.57 4.08 -14.11
C TYR B 10 -6.55 4.63 -12.67
N ASP B 11 -6.45 3.76 -11.71
CA ASP B 11 -6.41 4.23 -10.29
C ASP B 11 -5.62 3.25 -9.42
N LEU B 12 -4.34 3.15 -9.64
CA LEU B 12 -3.51 2.21 -8.84
C LEU B 12 -2.03 2.52 -9.03
N GLY B 13 -1.25 2.40 -7.98
CA GLY B 13 0.20 2.69 -8.10
C GLY B 13 0.94 2.12 -6.89
N LYS B 14 0.48 2.39 -5.71
CA LYS B 14 1.17 1.85 -4.50
C LYS B 14 0.37 0.68 -3.92
N LYS B 15 1.01 -0.16 -3.15
CA LYS B 15 0.29 -1.31 -2.55
C LYS B 15 0.54 -1.37 -1.04
N PRO B 16 -0.28 -2.14 -0.37
CA PRO B 16 -0.16 -2.28 1.10
C PRO B 16 1.06 -3.13 1.47
N ILE B 17 1.51 -3.04 2.69
CA ILE B 17 2.69 -3.84 3.11
C ILE B 17 2.69 -4.02 4.63
N TYR B 18 1.62 -4.53 5.17
CA TYR B 18 1.55 -4.73 6.65
C TYR B 18 2.35 -5.97 7.06
N LYS B 19 3.53 -5.78 7.59
CA LYS B 19 4.35 -6.96 8.00
C LYS B 19 5.46 -6.52 8.95
N LYS B 20 5.31 -5.40 9.60
CA LYS B 20 6.36 -4.93 10.54
C LYS B 20 6.71 -6.04 11.54
N ALA B 21 7.89 -6.02 12.08
CA ALA B 21 8.28 -7.08 13.06
C ALA B 21 9.16 -6.49 14.16
N PRO B 22 8.56 -5.67 14.98
CA PRO B 22 9.30 -5.02 16.09
C PRO B 22 9.58 -6.03 17.21
N THR B 23 9.97 -5.57 18.36
CA THR B 23 10.26 -6.50 19.48
C THR B 23 9.00 -6.71 20.33
N ASN B 24 8.79 -5.85 21.29
CA ASN B 24 7.58 -5.99 22.17
C ASN B 24 6.94 -4.62 22.39
N GLU B 25 6.43 -4.02 21.35
CA GLU B 25 5.78 -2.68 21.50
C GLU B 25 4.26 -2.84 21.66
N PHE B 26 3.73 -2.47 22.78
CA PHE B 26 2.26 -2.60 22.99
C PHE B 26 1.73 -1.43 23.82
N TYR B 27 2.36 -1.15 24.94
CA TYR B 27 1.89 -0.02 25.78
C TYR B 27 2.53 1.29 25.32
N ALA B 28 2.22 1.74 24.14
CA ALA B 28 2.81 3.02 23.65
C ALA B 28 1.72 3.91 23.05
N ARG A 1 -21.04 29.54 -9.65
CA ARG A 1 -20.95 28.34 -8.79
C ARG A 1 -19.50 28.11 -8.34
N MET A 2 -18.61 27.88 -9.27
CA MET A 2 -17.19 27.66 -8.89
C MET A 2 -17.09 26.62 -7.78
N LYS A 3 -17.48 25.40 -8.06
CA LYS A 3 -17.42 24.35 -7.01
C LYS A 3 -16.58 23.16 -7.49
N LYS A 4 -15.47 23.44 -8.13
CA LYS A 4 -14.61 22.32 -8.63
C LYS A 4 -13.41 22.12 -7.70
N LYS A 5 -12.83 20.95 -7.73
CA LYS A 5 -11.66 20.68 -6.83
C LYS A 5 -10.53 20.04 -7.63
N ASP A 6 -9.34 20.03 -7.09
CA ASP A 6 -8.19 19.42 -7.82
C ASP A 6 -8.14 17.91 -7.55
N GLU A 7 -8.18 17.11 -8.58
CA GLU A 7 -8.13 15.63 -8.37
C GLU A 7 -7.52 14.94 -9.60
N GLY A 8 -6.76 13.92 -9.39
CA GLY A 8 -6.14 13.20 -10.55
C GLY A 8 -6.45 11.71 -10.44
N SER A 9 -5.97 10.92 -11.37
CA SER A 9 -6.24 9.45 -11.32
C SER A 9 -5.37 8.72 -12.34
N TYR A 10 -4.08 8.74 -12.16
CA TYR A 10 -3.18 8.03 -13.12
C TYR A 10 -2.57 6.80 -12.45
N ASP A 11 -1.68 6.99 -11.52
CA ASP A 11 -1.05 5.84 -10.83
C ASP A 11 -1.31 5.91 -9.33
N LEU A 12 -2.49 5.54 -8.90
CA LEU A 12 -2.80 5.60 -7.45
C LEU A 12 -4.06 4.78 -7.14
N GLY A 13 -3.99 3.87 -6.20
CA GLY A 13 -5.17 3.05 -5.86
C GLY A 13 -5.05 2.52 -4.44
N LYS A 14 -3.98 1.81 -4.15
CA LYS A 14 -3.80 1.26 -2.78
C LYS A 14 -2.63 1.95 -2.08
N LYS A 15 -2.52 1.81 -0.79
CA LYS A 15 -1.40 2.46 -0.05
C LYS A 15 -0.68 1.43 0.82
N PRO A 16 0.54 1.74 1.16
CA PRO A 16 1.36 0.84 2.00
C PRO A 16 0.87 0.90 3.45
N ILE A 17 1.19 -0.10 4.23
CA ILE A 17 0.76 -0.11 5.65
C ILE A 17 1.64 -1.03 6.47
N TYR A 18 2.90 -0.70 6.58
CA TYR A 18 3.83 -1.57 7.37
C TYR A 18 3.68 -1.27 8.87
N LYS A 19 2.89 -2.05 9.57
CA LYS A 19 2.71 -1.80 11.02
C LYS A 19 1.93 -2.94 11.67
N LYS A 20 2.54 -4.10 11.76
CA LYS A 20 1.83 -5.25 12.39
C LYS A 20 1.61 -4.99 13.88
N ALA A 21 1.21 -5.99 14.62
CA ALA A 21 0.98 -5.80 16.08
C ALA A 21 2.31 -5.65 16.81
N PRO A 22 2.28 -4.89 17.88
CA PRO A 22 3.49 -4.65 18.69
C PRO A 22 3.86 -5.91 19.48
N THR A 23 5.08 -6.35 19.40
CA THR A 23 5.50 -7.56 20.15
C THR A 23 4.63 -8.76 19.76
N ASN A 24 5.01 -9.47 18.74
CA ASN A 24 4.20 -10.65 18.31
C ASN A 24 4.05 -11.65 19.46
N GLU A 25 4.96 -11.62 20.40
CA GLU A 25 4.86 -12.57 21.54
C GLU A 25 4.14 -11.92 22.72
N PHE A 26 3.04 -12.49 23.15
CA PHE A 26 2.29 -11.89 24.29
C PHE A 26 2.94 -12.30 25.62
N TYR A 27 3.74 -11.45 26.18
CA TYR A 27 4.40 -11.78 27.47
C TYR A 27 3.52 -11.36 28.65
N ALA A 28 2.96 -12.29 29.36
CA ALA A 28 2.08 -11.95 30.52
C ALA A 28 2.83 -12.18 31.83
N ARG B 1 3.69 -8.30 -36.42
CA ARG B 1 4.40 -8.08 -35.13
C ARG B 1 3.57 -8.60 -33.96
N MET B 2 2.40 -8.06 -33.75
CA MET B 2 1.55 -8.53 -32.63
C MET B 2 2.38 -8.59 -31.33
N LYS B 3 2.83 -7.47 -30.85
CA LYS B 3 3.63 -7.46 -29.60
C LYS B 3 2.98 -6.54 -28.56
N LYS B 4 1.68 -6.60 -28.43
CA LYS B 4 1.00 -5.72 -27.44
C LYS B 4 0.64 -6.52 -26.18
N LYS B 5 0.47 -5.85 -25.07
CA LYS B 5 0.11 -6.58 -23.82
C LYS B 5 -1.07 -5.89 -23.12
N ASP B 6 -1.70 -6.57 -22.20
CA ASP B 6 -2.86 -5.95 -21.49
C ASP B 6 -2.38 -5.12 -20.31
N GLU B 7 -2.72 -3.86 -20.28
CA GLU B 7 -2.27 -2.99 -19.14
C GLU B 7 -3.27 -1.85 -18.92
N GLY B 8 -3.51 -1.48 -17.70
CA GLY B 8 -4.47 -0.38 -17.43
C GLY B 8 -3.79 0.67 -16.53
N SER B 9 -4.50 1.70 -16.17
CA SER B 9 -3.89 2.75 -15.30
C SER B 9 -4.97 3.72 -14.80
N TYR B 10 -5.89 3.24 -14.01
CA TYR B 10 -6.95 4.13 -13.49
C TYR B 10 -6.75 4.38 -11.99
N ASP B 11 -6.97 3.38 -11.17
CA ASP B 11 -6.78 3.55 -9.71
C ASP B 11 -5.75 2.55 -9.19
N LEU B 12 -4.49 2.82 -9.39
CA LEU B 12 -3.44 1.89 -8.91
C LEU B 12 -2.08 2.59 -8.91
N GLY B 13 -1.38 2.55 -7.81
CA GLY B 13 -0.04 3.22 -7.75
C GLY B 13 0.79 2.59 -6.64
N LYS B 14 0.30 2.61 -5.43
CA LYS B 14 1.07 2.00 -4.30
C LYS B 14 0.36 0.75 -3.78
N LYS B 15 1.04 -0.05 -3.02
CA LYS B 15 0.41 -1.30 -2.48
C LYS B 15 0.60 -1.36 -0.96
N PRO B 16 -0.26 -2.12 -0.33
CA PRO B 16 -0.19 -2.29 1.14
C PRO B 16 0.99 -3.17 1.52
N ILE B 17 1.43 -3.09 2.75
CA ILE B 17 2.58 -3.94 3.19
C ILE B 17 2.58 -4.09 4.71
N TYR B 18 1.57 -4.73 5.24
CA TYR B 18 1.50 -4.91 6.72
C TYR B 18 2.39 -6.08 7.14
N LYS B 19 3.60 -5.80 7.55
CA LYS B 19 4.50 -6.92 7.99
C LYS B 19 5.77 -6.36 8.65
N LYS B 20 5.63 -5.77 9.81
CA LYS B 20 6.82 -5.22 10.50
C LYS B 20 7.78 -6.34 10.90
N ALA B 21 8.75 -6.05 11.71
CA ALA B 21 9.72 -7.10 12.14
C ALA B 21 9.05 -8.05 13.14
N PRO B 22 9.48 -9.28 13.11
CA PRO B 22 8.93 -10.31 14.01
C PRO B 22 9.40 -10.08 15.45
N THR B 23 8.49 -10.04 16.39
CA THR B 23 8.90 -9.82 17.80
C THR B 23 9.66 -8.50 17.95
N ASN B 24 8.97 -7.42 18.16
CA ASN B 24 9.65 -6.11 18.30
C ASN B 24 10.66 -6.14 19.44
N GLU B 25 10.48 -7.04 20.38
CA GLU B 25 11.44 -7.14 21.52
C GLU B 25 12.51 -8.19 21.23
N PHE B 26 13.75 -7.79 21.21
CA PHE B 26 14.85 -8.77 20.93
C PHE B 26 15.19 -9.55 22.21
N TYR B 27 14.65 -10.74 22.34
CA TYR B 27 14.95 -11.55 23.55
C TYR B 27 16.21 -12.41 23.33
N ALA B 28 17.28 -12.09 24.00
CA ALA B 28 18.53 -12.87 23.82
C ALA B 28 18.75 -13.80 25.02
N ARG A 1 -13.47 -12.57 -29.88
CA ARG A 1 -13.89 -13.50 -28.79
C ARG A 1 -13.86 -12.78 -27.44
N MET A 2 -14.51 -11.65 -27.35
CA MET A 2 -14.52 -10.90 -26.06
C MET A 2 -15.92 -10.94 -25.45
N LYS A 3 -16.11 -10.31 -24.32
CA LYS A 3 -17.45 -10.31 -23.67
C LYS A 3 -17.98 -8.88 -23.54
N LYS A 4 -17.15 -7.97 -23.12
CA LYS A 4 -17.61 -6.56 -22.96
C LYS A 4 -16.41 -5.63 -22.76
N LYS A 5 -16.62 -4.35 -22.77
CA LYS A 5 -15.50 -3.40 -22.58
C LYS A 5 -15.44 -2.93 -21.12
N ASP A 6 -14.77 -3.67 -20.27
CA ASP A 6 -14.69 -3.28 -18.85
C ASP A 6 -13.30 -2.68 -18.55
N GLU A 7 -13.19 -1.38 -18.54
CA GLU A 7 -11.88 -0.74 -18.27
C GLU A 7 -12.07 0.52 -17.41
N GLY A 8 -11.21 0.72 -16.45
CA GLY A 8 -11.34 1.92 -15.58
C GLY A 8 -10.09 2.79 -15.72
N SER A 9 -9.87 3.70 -14.81
CA SER A 9 -8.67 4.57 -14.90
C SER A 9 -8.42 5.27 -13.56
N TYR A 10 -7.21 5.74 -13.34
CA TYR A 10 -6.90 6.42 -12.06
C TYR A 10 -7.17 5.49 -10.88
N ASP A 11 -6.30 4.57 -10.62
CA ASP A 11 -6.52 3.63 -9.49
C ASP A 11 -5.37 3.75 -8.47
N LEU A 12 -4.97 4.95 -8.16
CA LEU A 12 -3.87 5.15 -7.18
C LEU A 12 -4.43 5.12 -5.76
N GLY A 13 -5.61 4.62 -5.57
CA GLY A 13 -6.20 4.58 -4.22
C GLY A 13 -5.42 3.56 -3.38
N LYS A 14 -4.60 2.76 -4.01
CA LYS A 14 -3.81 1.76 -3.24
C LYS A 14 -2.72 2.47 -2.44
N LYS A 15 -2.43 1.99 -1.26
CA LYS A 15 -1.39 2.65 -0.42
C LYS A 15 -0.69 1.62 0.47
N PRO A 16 0.50 1.94 0.87
CA PRO A 16 1.28 1.04 1.74
C PRO A 16 0.72 1.05 3.16
N ILE A 17 1.00 0.05 3.94
CA ILE A 17 0.47 0.00 5.33
C ILE A 17 1.32 -0.95 6.18
N TYR A 18 2.53 -0.59 6.46
CA TYR A 18 3.40 -1.48 7.30
C TYR A 18 2.93 -1.47 8.75
N LYS A 19 3.83 -1.68 9.68
CA LYS A 19 3.44 -1.69 11.11
C LYS A 19 2.52 -2.87 11.41
N LYS A 20 2.99 -3.82 12.18
CA LYS A 20 2.13 -5.00 12.51
C LYS A 20 2.09 -5.21 14.03
N ALA A 21 1.44 -6.25 14.48
CA ALA A 21 1.37 -6.51 15.94
C ALA A 21 1.71 -7.97 16.24
N PRO A 22 2.90 -8.35 15.83
CA PRO A 22 3.37 -9.74 16.06
C PRO A 22 3.75 -9.95 17.52
N THR A 23 4.02 -11.16 17.91
CA THR A 23 4.41 -11.42 19.33
C THR A 23 5.92 -11.26 19.50
N ASN A 24 6.67 -12.28 19.19
CA ASN A 24 8.15 -12.21 19.33
C ASN A 24 8.82 -13.21 18.39
N GLU A 25 9.53 -12.74 17.41
CA GLU A 25 10.21 -13.67 16.46
C GLU A 25 11.41 -13.00 15.80
N PHE A 26 12.22 -13.73 15.11
CA PHE A 26 13.41 -13.14 14.45
C PHE A 26 14.16 -12.23 15.43
N TYR A 27 14.86 -12.81 16.37
CA TYR A 27 15.61 -11.98 17.35
C TYR A 27 17.11 -12.07 17.08
N ALA A 28 17.79 -10.96 17.01
CA ALA A 28 19.25 -10.99 16.75
C ALA A 28 20.01 -11.36 18.03
N ARG B 1 -2.25 32.34 -13.56
CA ARG B 1 -1.06 32.33 -12.67
C ARG B 1 -0.54 30.90 -12.49
N MET B 2 -0.31 30.20 -13.57
CA MET B 2 0.21 28.81 -13.45
C MET B 2 1.66 28.74 -13.94
N LYS B 3 2.24 27.57 -13.93
CA LYS B 3 3.65 27.45 -14.39
C LYS B 3 3.74 26.49 -15.59
N LYS B 4 3.06 25.38 -15.52
CA LYS B 4 3.11 24.41 -16.65
C LYS B 4 2.02 23.35 -16.48
N LYS B 5 1.81 22.52 -17.46
CA LYS B 5 0.76 21.47 -17.36
C LYS B 5 1.39 20.14 -16.94
N ASP B 6 1.54 19.92 -15.66
CA ASP B 6 2.14 18.64 -15.19
C ASP B 6 1.04 17.71 -14.66
N GLU B 7 0.60 16.79 -15.46
CA GLU B 7 -0.46 15.85 -15.00
C GLU B 7 -0.20 14.43 -15.53
N GLY B 8 -0.40 13.43 -14.72
CA GLY B 8 -0.16 12.03 -15.18
C GLY B 8 -1.47 11.25 -15.11
N SER B 9 -1.40 9.95 -15.16
CA SER B 9 -2.64 9.13 -15.10
C SER B 9 -2.31 7.67 -14.78
N TYR B 10 -3.27 6.93 -14.30
CA TYR B 10 -3.00 5.50 -13.96
C TYR B 10 -1.87 5.40 -12.93
N ASP B 11 -2.16 5.65 -11.69
CA ASP B 11 -1.10 5.56 -10.64
C ASP B 11 -1.48 4.53 -9.59
N LEU B 12 -1.94 3.39 -10.02
CA LEU B 12 -2.33 2.32 -9.05
C LEU B 12 -1.11 1.49 -8.68
N GLY B 13 0.07 1.99 -8.94
CA GLY B 13 1.29 1.23 -8.59
C GLY B 13 1.43 1.17 -7.07
N LYS B 14 0.65 1.96 -6.37
CA LYS B 14 0.73 1.94 -4.88
C LYS B 14 0.13 0.64 -4.35
N LYS B 15 0.67 0.11 -3.28
CA LYS B 15 0.12 -1.16 -2.73
C LYS B 15 0.37 -1.23 -1.22
N PRO B 16 -0.45 -2.01 -0.57
CA PRO B 16 -0.32 -2.16 0.91
C PRO B 16 0.91 -3.02 1.25
N ILE B 17 1.39 -2.91 2.45
CA ILE B 17 2.58 -3.71 2.84
C ILE B 17 2.66 -3.84 4.36
N TYR B 18 1.75 -4.56 4.96
CA TYR B 18 1.77 -4.72 6.44
C TYR B 18 2.94 -5.62 6.87
N LYS B 19 2.80 -6.31 7.96
CA LYS B 19 3.90 -7.20 8.42
C LYS B 19 5.12 -6.38 8.83
N LYS B 20 5.45 -6.36 10.10
CA LYS B 20 6.63 -5.57 10.54
C LYS B 20 7.55 -6.46 11.40
N ALA B 21 8.61 -5.90 11.93
CA ALA B 21 9.54 -6.71 12.75
C ALA B 21 9.85 -6.00 14.06
N PRO B 22 8.80 -5.72 14.81
CA PRO B 22 8.95 -5.02 16.11
C PRO B 22 9.51 -5.98 17.16
N THR B 23 9.85 -5.47 18.32
CA THR B 23 10.40 -6.35 19.39
C THR B 23 9.26 -6.93 20.23
N ASN B 24 8.80 -6.19 21.18
CA ASN B 24 7.69 -6.69 22.05
C ASN B 24 6.93 -5.50 22.66
N GLU B 25 5.69 -5.31 22.27
CA GLU B 25 4.90 -4.17 22.83
C GLU B 25 3.41 -4.47 22.75
N PHE B 26 2.60 -3.66 23.39
CA PHE B 26 1.13 -3.90 23.36
C PHE B 26 0.82 -5.37 23.64
N TYR B 27 0.95 -5.78 24.89
CA TYR B 27 0.67 -7.20 25.23
C TYR B 27 -0.63 -7.30 26.03
N ALA B 28 -1.52 -8.17 25.64
CA ALA B 28 -2.81 -8.31 26.37
C ALA B 28 -2.59 -9.11 27.66
N ARG A 1 -22.19 0.71 -10.16
CA ARG A 1 -22.38 2.19 -10.02
C ARG A 1 -21.21 2.80 -9.24
N MET A 2 -20.66 3.88 -9.72
CA MET A 2 -19.53 4.52 -9.00
C MET A 2 -20.00 5.79 -8.28
N LYS A 3 -20.91 5.65 -7.35
CA LYS A 3 -21.41 6.84 -6.62
C LYS A 3 -21.88 7.91 -7.61
N LYS A 4 -22.18 9.09 -7.13
CA LYS A 4 -22.65 10.17 -8.04
C LYS A 4 -21.48 11.11 -8.37
N LYS A 5 -21.33 11.46 -9.63
CA LYS A 5 -20.21 12.36 -10.03
C LYS A 5 -18.89 11.85 -9.47
N ASP A 6 -18.31 10.86 -10.10
CA ASP A 6 -17.01 10.32 -9.60
C ASP A 6 -16.21 9.73 -10.76
N GLU A 7 -15.74 10.57 -11.65
CA GLU A 7 -14.95 10.05 -12.81
C GLU A 7 -13.46 10.36 -12.61
N GLY A 8 -12.67 9.34 -12.38
CA GLY A 8 -11.20 9.56 -12.19
C GLY A 8 -10.41 8.55 -13.02
N SER A 9 -9.61 9.03 -13.93
CA SER A 9 -8.81 8.09 -14.77
C SER A 9 -7.70 7.44 -13.94
N TYR A 10 -6.97 8.22 -13.20
CA TYR A 10 -5.87 7.65 -12.37
C TYR A 10 -6.42 6.55 -11.46
N ASP A 11 -5.56 5.85 -10.77
CA ASP A 11 -6.04 4.77 -9.86
C ASP A 11 -5.06 4.56 -8.70
N LEU A 12 -4.75 5.61 -7.99
CA LEU A 12 -3.81 5.49 -6.85
C LEU A 12 -4.57 5.20 -5.55
N GLY A 13 -5.66 4.48 -5.64
CA GLY A 13 -6.45 4.17 -4.42
C GLY A 13 -5.67 3.21 -3.53
N LYS A 14 -4.66 2.57 -4.06
CA LYS A 14 -3.86 1.61 -3.25
C LYS A 14 -2.90 2.38 -2.33
N LYS A 15 -2.49 1.78 -1.26
CA LYS A 15 -1.55 2.49 -0.32
C LYS A 15 -0.84 1.47 0.57
N PRO A 16 0.34 1.84 1.00
CA PRO A 16 1.15 0.95 1.88
C PRO A 16 0.57 0.93 3.31
N ILE A 17 0.92 -0.06 4.07
CA ILE A 17 0.42 -0.17 5.46
C ILE A 17 1.36 -1.04 6.29
N TYR A 18 2.60 -0.65 6.38
CA TYR A 18 3.58 -1.45 7.17
C TYR A 18 3.49 -1.08 8.66
N LYS A 19 2.97 -1.97 9.48
CA LYS A 19 2.86 -1.65 10.93
C LYS A 19 2.22 -2.83 11.69
N LYS A 20 2.76 -4.00 11.55
CA LYS A 20 2.18 -5.17 12.28
C LYS A 20 2.38 -5.01 13.78
N ALA A 21 1.57 -5.66 14.58
CA ALA A 21 1.72 -5.53 16.05
C ALA A 21 2.99 -6.24 16.52
N PRO A 22 3.49 -5.80 17.65
CA PRO A 22 4.72 -6.40 18.21
C PRO A 22 4.43 -7.78 18.79
N THR A 23 4.83 -8.82 18.10
CA THR A 23 4.58 -10.19 18.61
C THR A 23 5.86 -11.03 18.52
N ASN A 24 6.64 -11.05 19.56
CA ASN A 24 7.90 -11.84 19.53
C ASN A 24 7.60 -13.32 19.83
N GLU A 25 6.63 -13.58 20.66
CA GLU A 25 6.29 -15.00 20.99
C GLU A 25 4.90 -15.34 20.46
N PHE A 26 4.59 -16.61 20.37
CA PHE A 26 3.26 -17.01 19.85
C PHE A 26 2.23 -17.06 20.99
N TYR A 27 1.02 -17.42 20.69
CA TYR A 27 -0.03 -17.48 21.77
C TYR A 27 -0.60 -18.89 21.86
N ALA A 28 -0.18 -19.65 22.84
CA ALA A 28 -0.70 -21.04 22.98
C ALA A 28 -0.57 -21.51 24.44
N ARG B 1 11.48 12.22 -17.71
CA ARG B 1 11.35 11.15 -18.74
C ARG B 1 10.72 9.89 -18.14
N MET B 2 9.75 9.33 -18.80
CA MET B 2 9.09 8.10 -18.26
C MET B 2 9.55 6.87 -19.03
N LYS B 3 10.83 6.58 -19.00
CA LYS B 3 11.34 5.39 -19.75
C LYS B 3 10.88 5.44 -21.21
N LYS B 4 11.10 4.38 -21.94
CA LYS B 4 10.68 4.37 -23.37
C LYS B 4 9.34 3.65 -23.52
N LYS B 5 8.43 4.22 -24.27
CA LYS B 5 7.10 3.56 -24.45
C LYS B 5 6.50 3.19 -23.10
N ASP B 6 5.93 4.13 -22.40
CA ASP B 6 5.33 3.83 -21.07
C ASP B 6 4.18 4.81 -20.78
N GLU B 7 3.11 4.71 -21.51
CA GLU B 7 1.96 5.63 -21.27
C GLU B 7 0.82 4.90 -20.54
N GLY B 8 0.58 5.24 -19.31
CA GLY B 8 -0.51 4.56 -18.55
C GLY B 8 -1.34 5.61 -17.82
N SER B 9 -2.62 5.68 -18.13
CA SER B 9 -3.49 6.69 -17.44
C SER B 9 -3.73 6.29 -15.99
N TYR B 10 -4.07 5.05 -15.75
CA TYR B 10 -4.33 4.60 -14.35
C TYR B 10 -3.10 4.89 -13.48
N ASP B 11 -3.21 4.68 -12.20
CA ASP B 11 -2.05 4.94 -11.30
C ASP B 11 -2.12 4.04 -10.06
N LEU B 12 -2.23 2.76 -10.26
CA LEU B 12 -2.29 1.82 -9.10
C LEU B 12 -0.89 1.35 -8.72
N GLY B 13 0.10 2.20 -8.88
CA GLY B 13 1.49 1.79 -8.53
C GLY B 13 1.62 1.65 -7.01
N LYS B 14 0.68 2.19 -6.27
CA LYS B 14 0.75 2.09 -4.79
C LYS B 14 0.33 0.69 -4.35
N LYS B 15 0.76 0.27 -3.19
CA LYS B 15 0.37 -1.09 -2.70
C LYS B 15 0.57 -1.19 -1.19
N PRO B 16 -0.21 -2.04 -0.58
CA PRO B 16 -0.12 -2.24 0.89
C PRO B 16 1.14 -3.03 1.27
N ILE B 17 1.54 -2.96 2.51
CA ILE B 17 2.76 -3.69 2.95
C ILE B 17 2.70 -3.90 4.47
N TYR B 18 1.68 -4.55 4.95
CA TYR B 18 1.56 -4.79 6.41
C TYR B 18 2.38 -6.02 6.82
N LYS B 19 3.46 -5.83 7.52
CA LYS B 19 4.30 -6.99 7.94
C LYS B 19 5.52 -6.52 8.73
N LYS B 20 5.31 -5.76 9.77
CA LYS B 20 6.47 -5.28 10.59
C LYS B 20 7.12 -6.47 11.31
N ALA B 21 8.38 -6.34 11.67
CA ALA B 21 9.06 -7.46 12.37
C ALA B 21 8.50 -7.63 13.79
N PRO B 22 8.63 -8.82 14.30
CA PRO B 22 8.14 -9.12 15.67
C PRO B 22 9.04 -8.47 16.72
N THR B 23 8.60 -7.41 17.32
CA THR B 23 9.43 -6.72 18.35
C THR B 23 8.59 -6.42 19.59
N ASN B 24 8.55 -7.33 20.54
CA ASN B 24 7.75 -7.08 21.76
C ASN B 24 8.52 -6.18 22.74
N GLU B 25 9.81 -6.31 22.78
CA GLU B 25 10.62 -5.47 23.72
C GLU B 25 11.50 -4.49 22.92
N PHE B 26 12.01 -3.49 23.56
CA PHE B 26 12.86 -2.51 22.84
C PHE B 26 14.33 -2.97 22.84
N TYR B 27 15.22 -2.20 22.27
CA TYR B 27 16.65 -2.61 22.24
C TYR B 27 17.51 -1.54 22.93
N ALA B 28 17.92 -1.79 24.14
CA ALA B 28 18.76 -0.79 24.86
C ALA B 28 19.59 -1.48 25.95
N ARG A 1 -27.12 8.09 -12.81
CA ARG A 1 -27.46 9.32 -12.03
C ARG A 1 -26.21 10.17 -11.82
N MET A 2 -25.95 11.08 -12.73
CA MET A 2 -24.75 11.95 -12.57
C MET A 2 -25.16 13.43 -12.51
N LYS A 3 -24.49 14.21 -11.71
CA LYS A 3 -24.84 15.65 -11.60
C LYS A 3 -23.61 16.47 -11.18
N LYS A 4 -22.43 15.99 -11.48
CA LYS A 4 -21.20 16.73 -11.09
C LYS A 4 -20.13 16.60 -12.18
N LYS A 5 -18.95 17.09 -11.93
CA LYS A 5 -17.87 16.99 -12.94
C LYS A 5 -16.51 16.88 -12.26
N ASP A 6 -16.25 15.79 -11.58
CA ASP A 6 -14.94 15.64 -10.89
C ASP A 6 -14.51 14.17 -10.91
N GLU A 7 -13.43 13.87 -11.59
CA GLU A 7 -12.95 12.46 -11.64
C GLU A 7 -11.42 12.42 -11.54
N GLY A 8 -10.89 11.50 -10.79
CA GLY A 8 -9.40 11.40 -10.66
C GLY A 8 -8.99 9.94 -10.52
N SER A 9 -7.76 9.64 -10.81
CA SER A 9 -7.28 8.23 -10.70
C SER A 9 -5.75 8.19 -10.70
N TYR A 10 -5.14 8.64 -11.76
CA TYR A 10 -3.64 8.63 -11.82
C TYR A 10 -3.10 7.28 -11.34
N ASP A 11 -1.84 7.22 -11.00
CA ASP A 11 -1.25 5.94 -10.52
C ASP A 11 -1.39 5.83 -9.01
N LEU A 12 -2.53 5.39 -8.54
CA LEU A 12 -2.74 5.26 -7.08
C LEU A 12 -4.00 4.44 -6.78
N GLY A 13 -3.92 3.52 -5.86
CA GLY A 13 -5.11 2.69 -5.54
C GLY A 13 -4.93 2.07 -4.15
N LYS A 14 -3.80 1.48 -3.90
CA LYS A 14 -3.56 0.85 -2.57
C LYS A 14 -2.58 1.70 -1.76
N LYS A 15 -2.52 1.51 -0.47
CA LYS A 15 -1.58 2.31 0.36
C LYS A 15 -0.67 1.39 1.16
N PRO A 16 0.54 1.84 1.37
CA PRO A 16 1.53 1.05 2.13
C PRO A 16 1.19 1.05 3.64
N ILE A 17 0.73 -0.05 4.16
CA ILE A 17 0.39 -0.10 5.60
C ILE A 17 1.45 -0.89 6.37
N TYR A 18 2.70 -0.57 6.17
CA TYR A 18 3.78 -1.30 6.89
C TYR A 18 3.76 -0.96 8.39
N LYS A 19 2.94 -1.64 9.15
CA LYS A 19 2.87 -1.35 10.61
C LYS A 19 2.33 -2.57 11.36
N LYS A 20 2.51 -3.74 10.81
CA LYS A 20 2.00 -4.97 11.49
C LYS A 20 2.58 -5.08 12.91
N ALA A 21 1.77 -5.42 13.86
CA ALA A 21 2.28 -5.55 15.26
C ALA A 21 1.88 -6.91 15.83
N PRO A 22 2.45 -7.94 15.25
CA PRO A 22 2.16 -9.33 15.71
C PRO A 22 2.84 -9.61 17.05
N THR A 23 3.67 -8.72 17.50
CA THR A 23 4.37 -8.93 18.80
C THR A 23 4.95 -10.34 18.86
N ASN A 24 5.55 -10.70 19.97
CA ASN A 24 6.13 -12.06 20.10
C ASN A 24 5.17 -12.97 20.86
N GLU A 25 3.89 -12.80 20.66
CA GLU A 25 2.91 -13.66 21.37
C GLU A 25 2.59 -14.90 20.53
N PHE A 26 2.15 -15.95 21.16
CA PHE A 26 1.82 -17.20 20.41
C PHE A 26 0.34 -17.53 20.55
N TYR A 27 -0.52 -16.55 20.41
CA TYR A 27 -1.98 -16.81 20.53
C TYR A 27 -2.75 -16.01 19.46
N ALA A 28 -2.45 -16.24 18.21
CA ALA A 28 -3.16 -15.52 17.13
C ALA A 28 -4.50 -16.18 16.83
N ARG B 1 12.00 9.77 -26.96
CA ARG B 1 12.37 8.47 -27.60
C ARG B 1 11.28 7.44 -27.37
N MET B 2 10.32 7.36 -28.25
CA MET B 2 9.23 6.37 -28.08
C MET B 2 9.20 5.40 -29.28
N LYS B 3 8.88 4.16 -29.04
CA LYS B 3 8.83 3.17 -30.16
C LYS B 3 7.89 2.02 -29.81
N LYS B 4 6.93 2.27 -28.96
CA LYS B 4 5.97 1.18 -28.58
C LYS B 4 4.57 1.77 -28.40
N LYS B 5 3.65 0.97 -27.94
CA LYS B 5 2.25 1.47 -27.73
C LYS B 5 1.58 0.74 -26.56
N ASP B 6 2.06 0.97 -25.37
CA ASP B 6 1.45 0.29 -24.18
C ASP B 6 1.50 1.21 -22.96
N GLU B 7 0.35 1.61 -22.48
CA GLU B 7 0.33 2.51 -21.29
C GLU B 7 -0.80 2.10 -20.34
N GLY B 8 -0.56 2.10 -19.06
CA GLY B 8 -1.63 1.72 -18.09
C GLY B 8 -1.48 2.52 -16.81
N SER B 9 -2.54 2.63 -16.05
CA SER B 9 -2.46 3.41 -14.77
C SER B 9 -3.65 3.07 -13.88
N TYR B 10 -4.84 3.32 -14.34
CA TYR B 10 -6.05 3.01 -13.51
C TYR B 10 -5.84 3.49 -12.07
N ASP B 11 -6.63 2.99 -11.16
CA ASP B 11 -6.49 3.41 -9.74
C ASP B 11 -5.50 2.49 -9.02
N LEU B 12 -4.22 2.75 -9.15
CA LEU B 12 -3.21 1.89 -8.47
C LEU B 12 -1.84 2.57 -8.50
N GLY B 13 -1.14 2.55 -7.40
CA GLY B 13 0.21 3.20 -7.36
C GLY B 13 1.00 2.64 -6.18
N LYS B 14 0.41 2.60 -5.01
CA LYS B 14 1.12 2.07 -3.83
C LYS B 14 0.57 0.69 -3.45
N LYS B 15 1.29 -0.07 -2.68
CA LYS B 15 0.80 -1.41 -2.28
C LYS B 15 0.79 -1.56 -0.76
N PRO B 16 -0.17 -2.31 -0.29
CA PRO B 16 -0.31 -2.53 1.18
C PRO B 16 0.78 -3.47 1.69
N ILE B 17 1.73 -2.94 2.42
CA ILE B 17 2.82 -3.81 2.95
C ILE B 17 2.63 -4.04 4.45
N TYR B 18 1.45 -4.45 4.84
CA TYR B 18 1.19 -4.69 6.30
C TYR B 18 1.95 -5.94 6.76
N LYS B 19 3.20 -5.79 7.12
CA LYS B 19 3.99 -6.96 7.58
C LYS B 19 5.15 -6.49 8.45
N LYS B 20 5.03 -5.36 9.08
CA LYS B 20 6.13 -4.84 9.94
C LYS B 20 6.49 -5.87 11.01
N ALA B 21 7.76 -6.09 11.23
CA ALA B 21 8.17 -7.07 12.27
C ALA B 21 9.17 -6.44 13.24
N PRO B 22 8.68 -5.46 13.98
CA PRO B 22 9.53 -4.75 14.96
C PRO B 22 9.82 -5.63 16.17
N THR B 23 9.17 -6.76 16.26
CA THR B 23 9.40 -7.66 17.42
C THR B 23 9.36 -6.88 18.73
N ASN B 24 9.60 -7.53 19.83
CA ASN B 24 9.59 -6.82 21.14
C ASN B 24 11.01 -6.47 21.57
N GLU B 25 11.86 -6.15 20.64
CA GLU B 25 13.26 -5.80 20.99
C GLU B 25 13.39 -4.29 21.24
N PHE B 26 14.37 -3.89 22.00
CA PHE B 26 14.54 -2.44 22.29
C PHE B 26 15.88 -1.94 21.73
N TYR B 27 16.20 -2.31 20.52
CA TYR B 27 17.49 -1.86 19.92
C TYR B 27 17.29 -1.49 18.45
N ALA B 28 16.43 -0.55 18.18
CA ALA B 28 16.18 -0.15 16.77
C ALA B 28 17.26 0.84 16.31
N ARG A 1 -13.97 -10.48 -18.98
CA ARG A 1 -13.93 -10.83 -20.42
C ARG A 1 -14.29 -9.61 -21.28
N MET A 2 -15.51 -9.17 -21.22
CA MET A 2 -15.92 -7.99 -22.02
C MET A 2 -15.02 -6.80 -21.71
N LYS A 3 -15.03 -5.79 -22.55
CA LYS A 3 -14.16 -4.61 -22.30
C LYS A 3 -14.86 -3.33 -22.77
N LYS A 4 -14.43 -2.20 -22.29
CA LYS A 4 -15.08 -0.92 -22.71
C LYS A 4 -14.03 0.19 -22.82
N LYS A 5 -13.68 0.79 -21.73
CA LYS A 5 -12.66 1.88 -21.78
C LYS A 5 -11.33 1.34 -22.30
N ASP A 6 -11.04 0.11 -22.02
CA ASP A 6 -9.75 -0.49 -22.51
C ASP A 6 -8.56 0.37 -22.05
N GLU A 7 -8.32 0.41 -20.76
CA GLU A 7 -7.17 1.23 -20.26
C GLU A 7 -6.19 0.35 -19.49
N GLY A 8 -4.93 0.71 -19.50
CA GLY A 8 -3.92 -0.11 -18.77
C GLY A 8 -3.54 0.60 -17.47
N SER A 9 -4.44 1.31 -16.88
CA SER A 9 -4.14 2.03 -15.61
C SER A 9 -5.42 2.44 -14.90
N TYR A 10 -5.33 2.81 -13.65
CA TYR A 10 -6.56 3.22 -12.90
C TYR A 10 -6.29 4.49 -12.09
N ASP A 11 -5.81 4.33 -10.87
CA ASP A 11 -5.52 5.53 -10.03
C ASP A 11 -4.74 5.12 -8.78
N LEU A 12 -4.01 6.03 -8.20
CA LEU A 12 -3.22 5.71 -6.98
C LEU A 12 -4.15 5.57 -5.77
N GLY A 13 -5.05 4.64 -5.80
CA GLY A 13 -5.98 4.46 -4.64
C GLY A 13 -5.35 3.52 -3.63
N LYS A 14 -4.43 2.70 -4.04
CA LYS A 14 -3.77 1.76 -3.09
C LYS A 14 -2.83 2.52 -2.15
N LYS A 15 -2.47 1.91 -1.05
CA LYS A 15 -1.55 2.60 -0.09
C LYS A 15 -0.80 1.57 0.76
N PRO A 16 0.43 1.88 1.04
CA PRO A 16 1.28 0.98 1.86
C PRO A 16 0.83 1.01 3.33
N ILE A 17 1.15 0.00 4.08
CA ILE A 17 0.76 -0.04 5.51
C ILE A 17 1.69 -0.96 6.28
N TYR A 18 2.91 -0.55 6.50
CA TYR A 18 3.88 -1.41 7.25
C TYR A 18 3.77 -1.14 8.75
N LYS A 19 2.95 -1.88 9.44
CA LYS A 19 2.80 -1.66 10.92
C LYS A 19 2.32 -2.95 11.59
N LYS A 20 2.50 -4.07 10.93
CA LYS A 20 2.06 -5.36 11.53
C LYS A 20 2.86 -5.66 12.80
N ALA A 21 2.41 -6.60 13.59
CA ALA A 21 3.15 -6.95 14.84
C ALA A 21 2.79 -8.37 15.28
N PRO A 22 3.40 -9.32 14.63
CA PRO A 22 3.15 -10.75 14.94
C PRO A 22 3.81 -11.14 16.27
N THR A 23 4.59 -10.26 16.83
CA THR A 23 5.27 -10.59 18.12
C THR A 23 5.13 -9.42 19.11
N ASN A 24 4.87 -9.71 20.35
CA ASN A 24 4.71 -8.62 21.35
C ASN A 24 4.94 -9.16 22.76
N GLU A 25 4.32 -10.25 23.11
CA GLU A 25 4.50 -10.81 24.47
C GLU A 25 5.04 -12.25 24.39
N PHE A 26 6.10 -12.53 25.10
CA PHE A 26 6.68 -13.91 25.06
C PHE A 26 6.32 -14.66 26.34
N TYR A 27 5.42 -15.60 26.25
CA TYR A 27 5.02 -16.38 27.46
C TYR A 27 4.90 -17.87 27.13
N ALA A 28 5.63 -18.70 27.82
CA ALA A 28 5.55 -20.17 27.55
C ALA A 28 4.40 -20.79 28.34
N ARG B 1 3.66 23.50 -10.04
CA ARG B 1 2.95 24.74 -10.48
C ARG B 1 2.42 24.56 -11.91
N MET B 2 3.28 24.49 -12.87
CA MET B 2 2.82 24.33 -14.28
C MET B 2 1.94 23.09 -14.40
N LYS B 3 1.20 22.98 -15.47
CA LYS B 3 0.31 21.80 -15.65
C LYS B 3 0.25 21.39 -17.13
N LYS B 4 -0.15 20.19 -17.42
CA LYS B 4 -0.24 19.74 -18.83
C LYS B 4 -1.45 18.82 -19.03
N LYS B 5 -1.29 17.56 -18.71
CA LYS B 5 -2.44 16.62 -18.87
C LYS B 5 -3.62 17.05 -17.99
N ASP B 6 -3.33 17.64 -16.86
CA ASP B 6 -4.44 18.09 -15.96
C ASP B 6 -5.37 16.91 -15.64
N GLU B 7 -4.88 15.94 -14.91
CA GLU B 7 -5.74 14.77 -14.56
C GLU B 7 -5.84 14.63 -13.04
N GLY B 8 -6.94 14.10 -12.56
CA GLY B 8 -7.09 13.93 -11.09
C GLY B 8 -6.90 12.46 -10.72
N SER B 9 -6.05 11.77 -11.44
CA SER B 9 -5.82 10.32 -11.13
C SER B 9 -4.54 9.85 -11.80
N TYR B 10 -4.03 8.71 -11.40
CA TYR B 10 -2.78 8.20 -12.04
C TYR B 10 -2.90 6.70 -12.33
N ASP B 11 -2.57 5.87 -11.36
CA ASP B 11 -2.68 4.40 -11.59
C ASP B 11 -2.50 3.64 -10.27
N LEU B 12 -3.02 2.45 -10.20
CA LEU B 12 -2.87 1.66 -8.94
C LEU B 12 -1.45 1.12 -8.81
N GLY B 13 -0.48 2.00 -8.71
CA GLY B 13 0.93 1.53 -8.59
C GLY B 13 1.26 1.33 -7.11
N LYS B 14 0.54 1.97 -6.23
CA LYS B 14 0.82 1.81 -4.77
C LYS B 14 0.37 0.43 -4.28
N LYS B 15 0.86 0.01 -3.15
CA LYS B 15 0.47 -1.33 -2.63
C LYS B 15 0.63 -1.37 -1.11
N PRO B 16 -0.27 -2.07 -0.47
CA PRO B 16 -0.23 -2.21 1.01
C PRO B 16 0.91 -3.13 1.43
N ILE B 17 1.38 -3.00 2.64
CA ILE B 17 2.48 -3.87 3.13
C ILE B 17 2.42 -3.99 4.65
N TYR B 18 1.46 -4.71 5.17
CA TYR B 18 1.36 -4.86 6.65
C TYR B 18 2.19 -6.06 7.13
N LYS B 19 3.43 -5.83 7.47
CA LYS B 19 4.28 -6.96 7.95
C LYS B 19 5.39 -6.43 8.86
N LYS B 20 5.22 -5.25 9.40
CA LYS B 20 6.26 -4.67 10.29
C LYS B 20 6.41 -5.52 11.56
N ALA B 21 7.46 -5.31 12.30
CA ALA B 21 7.67 -6.11 13.55
C ALA B 21 8.59 -5.35 14.50
N PRO B 22 8.02 -4.38 15.18
CA PRO B 22 8.81 -3.55 16.13
C PRO B 22 9.12 -4.35 17.41
N THR B 23 8.56 -5.52 17.53
CA THR B 23 8.83 -6.33 18.76
C THR B 23 9.14 -7.78 18.36
N ASN B 24 10.12 -8.38 19.00
CA ASN B 24 10.47 -9.79 18.66
C ASN B 24 11.21 -10.44 19.83
N GLU B 25 12.21 -9.78 20.35
CA GLU B 25 12.97 -10.38 21.49
C GLU B 25 12.91 -9.46 22.72
N PHE B 26 12.54 -9.98 23.86
CA PHE B 26 12.47 -9.15 25.08
C PHE B 26 13.66 -9.42 25.98
N TYR B 27 14.59 -8.50 26.05
CA TYR B 27 15.79 -8.72 26.92
C TYR B 27 16.13 -7.44 27.69
N ALA B 28 16.18 -7.51 28.99
CA ALA B 28 16.51 -6.29 29.78
C ALA B 28 18.02 -6.14 29.93
N ARG A 1 -9.57 31.48 4.31
CA ARG A 1 -10.38 30.44 3.62
C ARG A 1 -9.48 29.29 3.17
N MET A 2 -9.95 28.48 2.24
CA MET A 2 -9.12 27.35 1.76
C MET A 2 -8.97 27.41 0.24
N LYS A 3 -8.33 26.44 -0.34
CA LYS A 3 -8.15 26.44 -1.82
C LYS A 3 -8.25 25.01 -2.37
N LYS A 4 -7.82 24.80 -3.59
CA LYS A 4 -7.90 23.43 -4.18
C LYS A 4 -6.66 23.16 -5.03
N LYS A 5 -6.21 21.93 -5.06
CA LYS A 5 -5.00 21.60 -5.88
C LYS A 5 -5.41 20.81 -7.12
N ASP A 6 -4.46 20.29 -7.84
CA ASP A 6 -4.79 19.51 -9.07
C ASP A 6 -4.74 18.01 -8.77
N GLU A 7 -5.27 17.60 -7.65
CA GLU A 7 -5.25 16.15 -7.31
C GLU A 7 -6.20 15.38 -8.21
N GLY A 8 -5.67 14.71 -9.20
CA GLY A 8 -6.55 13.93 -10.12
C GLY A 8 -6.41 12.44 -9.83
N SER A 9 -6.29 11.63 -10.86
CA SER A 9 -6.14 10.17 -10.63
C SER A 9 -5.71 9.48 -11.93
N TYR A 10 -4.65 8.71 -11.87
CA TYR A 10 -4.17 8.01 -13.11
C TYR A 10 -3.27 6.83 -12.72
N ASP A 11 -2.47 6.98 -11.71
CA ASP A 11 -1.58 5.87 -11.29
C ASP A 11 -1.54 5.77 -9.75
N LEU A 12 -2.66 5.54 -9.14
CA LEU A 12 -2.70 5.44 -7.65
C LEU A 12 -4.05 4.90 -7.19
N GLY A 13 -4.06 4.13 -6.14
CA GLY A 13 -5.35 3.58 -5.63
C GLY A 13 -5.14 3.00 -4.23
N LYS A 14 -4.14 2.17 -4.06
CA LYS A 14 -3.89 1.58 -2.71
C LYS A 14 -2.63 2.19 -2.10
N LYS A 15 -2.45 2.03 -0.82
CA LYS A 15 -1.24 2.60 -0.15
C LYS A 15 -0.58 1.54 0.73
N PRO A 16 0.67 1.77 1.03
CA PRO A 16 1.44 0.83 1.88
C PRO A 16 0.98 0.94 3.34
N ILE A 17 1.24 -0.07 4.13
CA ILE A 17 0.82 -0.02 5.56
C ILE A 17 1.68 -0.98 6.38
N TYR A 18 2.96 -0.73 6.47
CA TYR A 18 3.86 -1.62 7.25
C TYR A 18 3.72 -1.31 8.75
N LYS A 19 2.98 -2.09 9.47
CA LYS A 19 2.81 -1.84 10.93
C LYS A 19 2.07 -3.00 11.60
N LYS A 20 2.65 -4.17 11.59
CA LYS A 20 1.99 -5.34 12.22
C LYS A 20 2.28 -5.37 13.72
N ALA A 21 1.72 -6.32 14.43
CA ALA A 21 1.97 -6.39 15.90
C ALA A 21 2.18 -7.85 16.32
N PRO A 22 3.13 -8.49 15.71
CA PRO A 22 3.44 -9.89 16.02
C PRO A 22 4.14 -10.01 17.38
N THR A 23 4.80 -11.11 17.64
CA THR A 23 5.51 -11.26 18.93
C THR A 23 7.02 -11.27 18.71
N ASN A 24 7.79 -11.43 19.76
CA ASN A 24 9.27 -11.45 19.60
C ASN A 24 9.75 -12.87 19.32
N GLU A 25 9.75 -13.28 18.08
CA GLU A 25 10.22 -14.66 17.75
C GLU A 25 10.64 -14.74 16.28
N PHE A 26 11.50 -15.66 15.95
CA PHE A 26 11.95 -15.78 14.54
C PHE A 26 10.88 -16.47 13.70
N TYR A 27 10.38 -17.59 14.15
CA TYR A 27 9.33 -18.31 13.39
C TYR A 27 8.07 -18.49 14.24
N ALA A 28 6.94 -18.09 13.72
CA ALA A 28 5.67 -18.23 14.50
C ALA A 28 5.07 -19.62 14.28
N ARG B 1 2.42 -21.96 -24.78
CA ARG B 1 2.90 -20.56 -24.85
C ARG B 1 2.22 -19.71 -23.77
N MET B 2 2.25 -18.42 -23.92
CA MET B 2 1.59 -17.53 -22.91
C MET B 2 0.59 -16.59 -23.60
N LYS B 3 -0.02 -15.71 -22.86
CA LYS B 3 -1.00 -14.77 -23.46
C LYS B 3 -0.89 -13.39 -22.80
N LYS B 4 -1.87 -12.55 -23.00
CA LYS B 4 -1.82 -11.20 -22.38
C LYS B 4 -3.21 -10.78 -21.91
N LYS B 5 -3.29 -10.03 -20.85
CA LYS B 5 -4.62 -9.59 -20.34
C LYS B 5 -4.83 -8.10 -20.61
N ASP B 6 -5.87 -7.52 -20.08
CA ASP B 6 -6.13 -6.07 -20.30
C ASP B 6 -5.63 -5.26 -19.11
N GLU B 7 -4.48 -5.58 -18.59
CA GLU B 7 -3.96 -4.82 -17.41
C GLU B 7 -3.54 -3.41 -17.85
N GLY B 8 -4.36 -2.42 -17.59
CA GLY B 8 -4.01 -1.04 -17.98
C GLY B 8 -3.60 -0.24 -16.74
N SER B 9 -4.09 0.96 -16.60
CA SER B 9 -3.73 1.80 -15.41
C SER B 9 -4.65 3.01 -15.31
N TYR B 10 -5.26 3.21 -14.17
CA TYR B 10 -6.17 4.38 -14.02
C TYR B 10 -6.37 4.69 -12.53
N ASP B 11 -6.46 3.68 -11.71
CA ASP B 11 -6.65 3.92 -10.26
C ASP B 11 -5.79 2.95 -9.44
N LEU B 12 -4.49 3.02 -9.61
CA LEU B 12 -3.60 2.10 -8.85
C LEU B 12 -2.14 2.53 -9.01
N GLY B 13 -1.34 2.36 -7.99
CA GLY B 13 0.08 2.76 -8.08
C GLY B 13 0.85 2.17 -6.91
N LYS B 14 0.36 2.34 -5.72
CA LYS B 14 1.06 1.79 -4.52
C LYS B 14 0.29 0.60 -3.95
N LYS B 15 0.91 -0.20 -3.13
CA LYS B 15 0.20 -1.36 -2.54
C LYS B 15 0.44 -1.42 -1.02
N PRO B 16 -0.42 -2.12 -0.35
CA PRO B 16 -0.31 -2.24 1.13
C PRO B 16 0.85 -3.17 1.49
N ILE B 17 1.32 -3.09 2.69
CA ILE B 17 2.46 -3.96 3.12
C ILE B 17 2.48 -4.09 4.63
N TYR B 18 1.47 -4.67 5.21
CA TYR B 18 1.43 -4.83 6.69
C TYR B 18 2.31 -6.01 7.12
N LYS B 19 3.50 -5.74 7.58
CA LYS B 19 4.39 -6.85 8.02
C LYS B 19 5.64 -6.30 8.72
N LYS B 20 5.45 -5.63 9.83
CA LYS B 20 6.62 -5.08 10.57
C LYS B 20 7.25 -6.14 11.46
N ALA B 21 8.32 -5.81 12.14
CA ALA B 21 8.97 -6.81 13.03
C ALA B 21 9.41 -6.14 14.34
N PRO B 22 8.46 -5.56 15.01
CA PRO B 22 8.74 -4.87 16.29
C PRO B 22 8.97 -5.90 17.40
N THR B 23 8.87 -5.49 18.64
CA THR B 23 9.09 -6.47 19.76
C THR B 23 7.78 -6.72 20.49
N ASN B 24 7.81 -7.52 21.52
CA ASN B 24 6.56 -7.82 22.28
C ASN B 24 6.37 -6.78 23.39
N GLU B 25 5.75 -5.67 23.08
CA GLU B 25 5.53 -4.62 24.11
C GLU B 25 4.37 -3.71 23.71
N PHE B 26 3.73 -3.09 24.66
CA PHE B 26 2.59 -2.19 24.32
C PHE B 26 3.13 -0.85 23.80
N TYR B 27 4.04 -0.24 24.51
CA TYR B 27 4.60 1.06 24.05
C TYR B 27 6.12 0.95 23.88
N ALA B 28 6.63 1.35 22.74
CA ALA B 28 8.09 1.26 22.51
C ALA B 28 8.78 2.54 23.02
N ARG A 1 -19.54 14.56 -23.73
CA ARG A 1 -18.38 14.20 -22.86
C ARG A 1 -17.10 14.83 -23.41
N MET A 2 -16.83 16.05 -23.06
CA MET A 2 -15.59 16.73 -23.56
C MET A 2 -15.18 17.86 -22.61
N LYS A 3 -14.80 17.53 -21.41
CA LYS A 3 -14.38 18.58 -20.45
C LYS A 3 -13.12 18.15 -19.70
N LYS A 4 -12.21 17.54 -20.38
CA LYS A 4 -10.94 17.09 -19.70
C LYS A 4 -9.73 17.40 -20.58
N LYS A 5 -9.10 18.52 -20.36
CA LYS A 5 -7.92 18.88 -21.19
C LYS A 5 -6.70 19.10 -20.30
N ASP A 6 -6.36 18.14 -19.48
CA ASP A 6 -5.18 18.29 -18.57
C ASP A 6 -4.65 16.92 -18.16
N GLU A 7 -5.41 16.19 -17.39
CA GLU A 7 -4.95 14.84 -16.96
C GLU A 7 -5.68 13.75 -17.75
N GLY A 8 -4.95 12.83 -18.32
CA GLY A 8 -5.60 11.74 -19.10
C GLY A 8 -5.86 10.54 -18.20
N SER A 9 -4.89 10.19 -17.38
CA SER A 9 -5.09 9.02 -16.46
C SER A 9 -4.40 9.28 -15.13
N TYR A 10 -4.53 8.37 -14.19
CA TYR A 10 -3.89 8.57 -12.86
C TYR A 10 -3.09 7.31 -12.48
N ASP A 11 -2.25 7.42 -11.49
CA ASP A 11 -1.45 6.24 -11.07
C ASP A 11 -1.53 6.06 -9.55
N LEU A 12 -2.65 5.62 -9.05
CA LEU A 12 -2.80 5.43 -7.58
C LEU A 12 -4.08 4.65 -7.28
N GLY A 13 -4.05 3.80 -6.28
CA GLY A 13 -5.27 3.02 -5.93
C GLY A 13 -5.09 2.39 -4.56
N LYS A 14 -3.98 1.74 -4.32
CA LYS A 14 -3.75 1.10 -3.00
C LYS A 14 -2.71 1.89 -2.20
N LYS A 15 -2.62 1.64 -0.93
CA LYS A 15 -1.62 2.37 -0.09
C LYS A 15 -0.87 1.38 0.80
N PRO A 16 0.29 1.80 1.24
CA PRO A 16 1.13 0.96 2.11
C PRO A 16 0.54 0.87 3.52
N ILE A 17 0.91 -0.13 4.27
CA ILE A 17 0.38 -0.29 5.65
C ILE A 17 1.36 -1.13 6.47
N TYR A 18 2.59 -0.73 6.51
CA TYR A 18 3.60 -1.50 7.29
C TYR A 18 3.57 -1.08 8.76
N LYS A 19 3.07 -1.93 9.62
CA LYS A 19 3.02 -1.57 11.08
C LYS A 19 2.52 -2.76 11.90
N LYS A 20 2.80 -3.96 11.46
CA LYS A 20 2.35 -5.15 12.21
C LYS A 20 2.79 -5.05 13.68
N ALA A 21 1.97 -5.53 14.58
CA ALA A 21 2.35 -5.46 16.02
C ALA A 21 1.72 -6.62 16.80
N PRO A 22 2.16 -7.81 16.49
CA PRO A 22 1.63 -9.01 17.17
C PRO A 22 2.17 -9.09 18.60
N THR A 23 3.28 -9.76 18.79
CA THR A 23 3.87 -9.87 20.15
C THR A 23 5.30 -10.39 20.07
N ASN A 24 5.78 -11.01 21.10
CA ASN A 24 7.18 -11.54 21.08
C ASN A 24 7.41 -12.34 19.80
N GLU A 25 8.63 -12.78 19.57
CA GLU A 25 8.93 -13.56 18.34
C GLU A 25 9.70 -14.83 18.69
N PHE A 26 9.03 -15.81 19.24
CA PHE A 26 9.74 -17.07 19.61
C PHE A 26 10.47 -17.65 18.39
N TYR A 27 11.77 -17.65 18.42
CA TYR A 27 12.54 -18.20 17.27
C TYR A 27 13.88 -18.78 17.75
N ALA A 28 13.91 -20.04 18.06
CA ALA A 28 15.18 -20.67 18.54
C ALA A 28 15.28 -22.11 18.05
N ARG B 1 -1.80 10.84 -32.21
CA ARG B 1 -2.13 10.23 -30.89
C ARG B 1 -3.62 9.86 -30.84
N MET B 2 -3.97 8.71 -31.34
CA MET B 2 -5.41 8.30 -31.32
C MET B 2 -5.52 6.77 -31.40
N LYS B 3 -5.06 6.08 -30.38
CA LYS B 3 -5.14 4.60 -30.39
C LYS B 3 -5.60 4.07 -29.03
N LYS B 4 -6.54 4.76 -28.41
CA LYS B 4 -7.03 4.30 -27.08
C LYS B 4 -8.55 4.40 -27.01
N LYS B 5 -9.24 3.33 -27.29
CA LYS B 5 -10.73 3.36 -27.25
C LYS B 5 -11.24 2.30 -26.27
N ASP B 6 -10.79 2.33 -25.05
CA ASP B 6 -11.26 1.33 -24.05
C ASP B 6 -11.07 1.87 -22.64
N GLU B 7 -9.85 2.03 -22.22
CA GLU B 7 -9.59 2.55 -20.84
C GLU B 7 -9.16 4.01 -20.90
N GLY B 8 -9.80 4.86 -20.14
CA GLY B 8 -9.42 6.30 -20.17
C GLY B 8 -8.38 6.58 -19.06
N SER B 9 -8.58 6.04 -17.90
CA SER B 9 -7.60 6.27 -16.80
C SER B 9 -7.48 5.01 -15.93
N TYR B 10 -6.61 5.03 -14.96
CA TYR B 10 -6.43 3.84 -14.08
C TYR B 10 -6.49 4.25 -12.61
N ASP B 11 -6.64 3.30 -11.73
CA ASP B 11 -6.70 3.64 -10.28
C ASP B 11 -5.76 2.74 -9.49
N LEU B 12 -4.48 2.97 -9.60
CA LEU B 12 -3.50 2.14 -8.85
C LEU B 12 -2.10 2.77 -8.91
N GLY B 13 -1.35 2.67 -7.86
CA GLY B 13 0.01 3.26 -7.86
C GLY B 13 0.82 2.71 -6.68
N LYS B 14 0.25 2.75 -5.50
CA LYS B 14 0.98 2.22 -4.31
C LYS B 14 0.39 0.89 -3.86
N LYS B 15 1.10 0.16 -3.04
CA LYS B 15 0.57 -1.15 -2.56
C LYS B 15 0.74 -1.26 -1.04
N PRO B 16 -0.04 -2.13 -0.45
CA PRO B 16 0.01 -2.34 1.01
C PRO B 16 1.29 -3.09 1.41
N ILE B 17 1.68 -2.99 2.63
CA ILE B 17 2.90 -3.70 3.10
C ILE B 17 2.82 -3.92 4.61
N TYR B 18 1.76 -4.53 5.07
CA TYR B 18 1.62 -4.77 6.53
C TYR B 18 2.34 -6.06 6.93
N LYS B 19 3.44 -5.94 7.62
CA LYS B 19 4.19 -7.17 8.05
C LYS B 19 5.36 -6.79 8.96
N LYS B 20 5.22 -5.72 9.69
CA LYS B 20 6.32 -5.29 10.60
C LYS B 20 6.77 -6.47 11.47
N ALA B 21 8.04 -6.56 11.77
CA ALA B 21 8.53 -7.69 12.61
C ALA B 21 9.77 -7.26 13.40
N PRO B 22 9.58 -6.34 14.30
CA PRO B 22 10.69 -5.85 15.14
C PRO B 22 11.09 -6.90 16.19
N THR B 23 10.50 -6.83 17.35
CA THR B 23 10.83 -7.82 18.41
C THR B 23 9.80 -7.75 19.54
N ASN B 24 10.17 -8.14 20.73
CA ASN B 24 9.20 -8.10 21.87
C ASN B 24 8.52 -6.72 21.92
N GLU B 25 7.56 -6.55 22.79
CA GLU B 25 6.88 -5.25 22.90
C GLU B 25 6.81 -4.79 24.36
N PHE B 26 7.91 -4.34 24.90
CA PHE B 26 7.90 -3.88 26.32
C PHE B 26 6.82 -2.82 26.54
N TYR B 27 5.82 -3.15 27.30
CA TYR B 27 4.72 -2.17 27.55
C TYR B 27 4.09 -2.42 28.93
N ALA B 28 4.59 -1.77 29.95
CA ALA B 28 4.02 -1.97 31.31
C ALA B 28 4.07 -0.66 32.11
N ARG A 1 -19.68 11.20 -3.33
CA ARG A 1 -18.22 11.34 -3.09
C ARG A 1 -17.59 12.18 -4.21
N MET A 2 -16.67 13.04 -3.87
CA MET A 2 -16.01 13.89 -4.91
C MET A 2 -14.63 13.32 -5.26
N LYS A 3 -14.49 12.74 -6.41
CA LYS A 3 -13.17 12.18 -6.80
C LYS A 3 -12.47 13.09 -7.83
N LYS A 4 -13.23 13.72 -8.69
CA LYS A 4 -12.62 14.62 -9.71
C LYS A 4 -12.09 15.90 -9.02
N LYS A 5 -10.97 16.39 -9.48
CA LYS A 5 -10.41 17.63 -8.87
C LYS A 5 -9.29 18.18 -9.74
N ASP A 6 -8.44 19.01 -9.19
CA ASP A 6 -7.33 19.58 -9.99
C ASP A 6 -6.43 18.47 -10.52
N GLU A 7 -6.37 17.36 -9.82
CA GLU A 7 -5.50 16.24 -10.28
C GLU A 7 -6.32 14.95 -10.34
N GLY A 8 -5.95 14.03 -11.19
CA GLY A 8 -6.70 12.76 -11.30
C GLY A 8 -6.01 11.67 -10.47
N SER A 9 -5.69 10.56 -11.08
CA SER A 9 -5.01 9.47 -10.32
C SER A 9 -4.05 8.70 -11.24
N TYR A 10 -4.55 8.17 -12.32
CA TYR A 10 -3.67 7.41 -13.26
C TYR A 10 -2.94 6.30 -12.51
N ASP A 11 -1.78 6.60 -11.96
CA ASP A 11 -1.01 5.56 -11.22
C ASP A 11 -1.17 5.76 -9.71
N LEU A 12 -2.33 5.47 -9.19
CA LEU A 12 -2.54 5.64 -7.72
C LEU A 12 -3.86 5.00 -7.31
N GLY A 13 -3.82 4.06 -6.40
CA GLY A 13 -5.07 3.40 -5.95
C GLY A 13 -4.86 2.84 -4.53
N LYS A 14 -4.10 1.80 -4.40
CA LYS A 14 -3.88 1.20 -3.05
C LYS A 14 -2.73 1.94 -2.34
N LYS A 15 -2.70 1.88 -1.03
CA LYS A 15 -1.61 2.57 -0.28
C LYS A 15 -0.85 1.57 0.59
N PRO A 16 0.39 1.89 0.85
CA PRO A 16 1.24 1.02 1.68
C PRO A 16 0.82 1.08 3.15
N ILE A 17 1.13 0.07 3.91
CA ILE A 17 0.75 0.06 5.34
C ILE A 17 1.65 -0.91 6.11
N TYR A 18 2.84 -0.49 6.45
CA TYR A 18 3.77 -1.39 7.19
C TYR A 18 3.60 -1.22 8.70
N LYS A 19 3.21 -2.25 9.39
CA LYS A 19 3.03 -2.15 10.86
C LYS A 19 2.35 -3.43 11.40
N LYS A 20 2.81 -3.94 12.50
CA LYS A 20 2.18 -5.18 13.06
C LYS A 20 2.35 -5.22 14.58
N ALA A 21 1.91 -6.28 15.20
CA ALA A 21 2.05 -6.37 16.69
C ALA A 21 2.16 -7.85 17.11
N PRO A 22 3.22 -8.48 16.66
CA PRO A 22 3.43 -9.91 16.99
C PRO A 22 3.89 -10.07 18.45
N THR A 23 3.97 -11.28 18.92
CA THR A 23 4.40 -11.50 20.33
C THR A 23 5.58 -12.48 20.37
N ASN A 24 6.77 -11.98 20.24
CA ASN A 24 7.96 -12.88 20.27
C ASN A 24 7.75 -14.07 19.33
N GLU A 25 7.64 -13.81 18.05
CA GLU A 25 7.43 -14.92 17.08
C GLU A 25 8.74 -15.24 16.36
N PHE A 26 9.24 -16.43 16.53
CA PHE A 26 10.51 -16.81 15.85
C PHE A 26 10.47 -18.28 15.42
N TYR A 27 9.96 -18.56 14.25
CA TYR A 27 9.89 -19.97 13.79
C TYR A 27 10.16 -20.05 12.28
N ALA A 28 11.36 -19.78 11.86
CA ALA A 28 11.67 -19.84 10.41
C ALA A 28 12.07 -21.26 10.00
N ARG B 1 10.52 -0.80 -20.32
CA ARG B 1 9.45 -1.39 -19.48
C ARG B 1 8.11 -1.35 -20.21
N MET B 2 7.33 -2.41 -20.09
CA MET B 2 6.02 -2.43 -20.78
C MET B 2 4.89 -2.13 -19.79
N LYS B 3 4.30 -0.98 -19.87
CA LYS B 3 3.20 -0.62 -18.92
C LYS B 3 1.84 -0.73 -19.62
N LYS B 4 1.79 -0.39 -20.89
CA LYS B 4 0.49 -0.47 -21.62
C LYS B 4 0.10 -1.93 -21.85
N LYS B 5 -1.17 -2.23 -21.76
CA LYS B 5 -1.62 -3.63 -21.97
C LYS B 5 -3.14 -3.68 -22.11
N ASP B 6 -3.73 -4.83 -21.92
CA ASP B 6 -5.21 -4.94 -22.05
C ASP B 6 -5.90 -4.01 -21.04
N GLU B 7 -5.26 -3.75 -19.94
CA GLU B 7 -5.87 -2.85 -18.91
C GLU B 7 -4.90 -1.72 -18.55
N GLY B 8 -5.41 -0.61 -18.12
CA GLY B 8 -4.51 0.53 -17.76
C GLY B 8 -4.31 0.55 -16.24
N SER B 9 -4.58 1.66 -15.60
CA SER B 9 -4.40 1.74 -14.13
C SER B 9 -5.44 2.67 -13.52
N TYR B 10 -5.50 3.90 -13.96
CA TYR B 10 -6.50 4.85 -13.40
C TYR B 10 -6.35 4.93 -11.87
N ASP B 11 -7.04 4.09 -11.16
CA ASP B 11 -6.94 4.12 -9.67
C ASP B 11 -6.04 2.99 -9.18
N LEU B 12 -4.77 3.10 -9.39
CA LEU B 12 -3.84 2.03 -8.92
C LEU B 12 -2.38 2.49 -9.05
N GLY B 13 -1.66 2.51 -7.97
CA GLY B 13 -0.24 2.95 -8.03
C GLY B 13 0.54 2.33 -6.86
N LYS B 14 0.29 2.78 -5.66
CA LYS B 14 1.02 2.21 -4.49
C LYS B 14 0.32 0.95 -3.98
N LYS B 15 1.03 0.09 -3.30
CA LYS B 15 0.39 -1.16 -2.78
C LYS B 15 0.56 -1.24 -1.26
N PRO B 16 -0.37 -1.93 -0.65
CA PRO B 16 -0.34 -2.10 0.84
C PRO B 16 0.79 -3.05 1.24
N ILE B 17 1.25 -2.93 2.46
CA ILE B 17 2.34 -3.82 2.94
C ILE B 17 2.33 -3.90 4.47
N TYR B 18 1.46 -4.69 5.02
CA TYR B 18 1.39 -4.81 6.51
C TYR B 18 2.30 -5.93 7.01
N LYS B 19 3.28 -5.58 7.80
CA LYS B 19 4.22 -6.61 8.34
C LYS B 19 5.39 -5.93 9.06
N LYS B 20 5.78 -6.43 10.19
CA LYS B 20 6.92 -5.81 10.93
C LYS B 20 7.64 -6.86 11.78
N ALA B 21 8.62 -6.46 12.53
CA ALA B 21 9.36 -7.43 13.39
C ALA B 21 9.92 -6.72 14.62
N PRO B 22 9.02 -6.24 15.43
CA PRO B 22 9.42 -5.53 16.67
C PRO B 22 9.92 -6.52 17.73
N THR B 23 10.45 -6.02 18.82
CA THR B 23 10.96 -6.94 19.88
C THR B 23 10.32 -6.56 21.23
N ASN B 24 9.17 -7.10 21.52
CA ASN B 24 8.50 -6.78 22.81
C ASN B 24 8.48 -5.26 23.03
N GLU B 25 7.79 -4.54 22.19
CA GLU B 25 7.74 -3.07 22.34
C GLU B 25 6.39 -2.64 22.96
N PHE B 26 6.43 -2.06 24.12
CA PHE B 26 5.15 -1.63 24.77
C PHE B 26 5.37 -0.32 25.53
N TYR B 27 5.20 0.79 24.87
CA TYR B 27 5.39 2.10 25.56
C TYR B 27 4.38 3.13 25.04
N ALA B 28 3.12 2.94 25.33
CA ALA B 28 2.09 3.90 24.85
C ALA B 28 1.94 5.07 25.85
N ARG A 1 15.63 15.38 -22.61
CA ARG A 1 15.13 16.13 -23.80
C ARG A 1 13.65 16.45 -23.64
N MET A 2 13.28 17.70 -23.75
CA MET A 2 11.85 18.07 -23.60
C MET A 2 11.26 17.43 -22.34
N LYS A 3 9.99 17.60 -22.11
CA LYS A 3 9.36 17.00 -20.90
C LYS A 3 9.54 15.48 -20.90
N LYS A 4 9.35 14.85 -22.04
CA LYS A 4 9.52 13.37 -22.10
C LYS A 4 8.72 12.69 -20.98
N LYS A 5 7.47 12.46 -21.19
CA LYS A 5 6.63 11.81 -20.14
C LYS A 5 6.17 10.43 -20.62
N ASP A 6 6.41 9.41 -19.84
CA ASP A 6 5.99 8.04 -20.25
C ASP A 6 5.31 7.32 -19.07
N GLU A 7 4.33 7.94 -18.47
CA GLU A 7 3.63 7.29 -17.32
C GLU A 7 2.27 6.75 -17.78
N GLY A 8 1.81 5.71 -17.15
CA GLY A 8 0.49 5.13 -17.54
C GLY A 8 -0.65 6.04 -17.05
N SER A 9 -1.85 5.81 -17.49
CA SER A 9 -2.99 6.66 -17.04
C SER A 9 -3.33 6.37 -15.59
N TYR A 10 -3.00 5.19 -15.12
CA TYR A 10 -3.31 4.84 -13.70
C TYR A 10 -2.01 4.73 -12.89
N ASP A 11 -1.94 5.40 -11.77
CA ASP A 11 -0.70 5.32 -10.94
C ASP A 11 -1.02 5.62 -9.48
N LEU A 12 -2.19 5.26 -9.03
CA LEU A 12 -2.56 5.51 -7.62
C LEU A 12 -3.87 4.81 -7.28
N GLY A 13 -3.86 3.90 -6.34
CA GLY A 13 -5.12 3.20 -5.97
C GLY A 13 -4.98 2.60 -4.57
N LYS A 14 -3.94 1.85 -4.33
CA LYS A 14 -3.76 1.24 -2.98
C LYS A 14 -2.70 2.01 -2.19
N LYS A 15 -2.51 1.66 -0.95
CA LYS A 15 -1.50 2.37 -0.12
C LYS A 15 -0.77 1.39 0.79
N PRO A 16 0.45 1.74 1.12
CA PRO A 16 1.28 0.86 2.00
C PRO A 16 0.78 0.91 3.45
N ILE A 17 1.08 -0.09 4.21
CA ILE A 17 0.64 -0.13 5.63
C ILE A 17 1.59 -1.01 6.45
N TYR A 18 2.83 -0.63 6.54
CA TYR A 18 3.81 -1.45 7.30
C TYR A 18 3.53 -1.37 8.81
N LYS A 19 4.32 -2.06 9.60
CA LYS A 19 4.11 -2.05 11.07
C LYS A 19 2.79 -2.75 11.42
N LYS A 20 2.87 -3.88 12.07
CA LYS A 20 1.63 -4.61 12.44
C LYS A 20 1.95 -5.75 13.42
N ALA A 21 2.65 -5.45 14.48
CA ALA A 21 2.99 -6.52 15.47
C ALA A 21 3.59 -5.90 16.73
N PRO A 22 2.73 -5.45 17.60
CA PRO A 22 3.17 -4.83 18.87
C PRO A 22 3.68 -5.91 19.84
N THR A 23 4.97 -6.14 19.85
CA THR A 23 5.53 -7.17 20.76
C THR A 23 4.76 -8.49 20.61
N ASN A 24 5.16 -9.31 19.67
CA ASN A 24 4.45 -10.61 19.47
C ASN A 24 5.46 -11.76 19.44
N GLU A 25 5.93 -12.18 20.59
CA GLU A 25 6.91 -13.29 20.63
C GLU A 25 6.18 -14.64 20.54
N PHE A 26 5.93 -15.11 19.35
CA PHE A 26 5.22 -16.42 19.21
C PHE A 26 5.66 -17.12 17.92
N TYR A 27 4.95 -18.13 17.51
CA TYR A 27 5.32 -18.85 16.25
C TYR A 27 4.08 -19.07 15.39
N ALA A 28 4.28 -19.40 14.13
CA ALA A 28 3.11 -19.63 13.23
C ALA A 28 2.88 -21.13 13.06
N ARG B 1 -28.86 0.00 -12.74
CA ARG B 1 -29.32 0.41 -14.10
C ARG B 1 -28.14 0.50 -15.06
N MET B 2 -28.21 -0.18 -16.18
CA MET B 2 -27.07 -0.13 -17.15
C MET B 2 -25.74 -0.36 -16.44
N LYS B 3 -24.65 -0.26 -17.14
CA LYS B 3 -23.32 -0.48 -16.49
C LYS B 3 -23.13 0.52 -15.35
N LYS B 4 -23.48 1.75 -15.56
CA LYS B 4 -23.31 2.77 -14.48
C LYS B 4 -21.89 2.72 -13.92
N LYS B 5 -20.96 3.38 -14.56
CA LYS B 5 -19.56 3.37 -14.06
C LYS B 5 -19.15 4.77 -13.59
N ASP B 6 -18.65 4.87 -12.39
CA ASP B 6 -18.24 6.22 -11.87
C ASP B 6 -16.87 6.12 -11.19
N GLU B 7 -15.90 5.57 -11.86
CA GLU B 7 -14.53 5.46 -11.26
C GLU B 7 -13.60 6.52 -11.84
N GLY B 8 -12.64 6.95 -11.08
CA GLY B 8 -11.69 7.99 -11.61
C GLY B 8 -10.73 7.35 -12.61
N SER B 9 -9.99 8.15 -13.32
CA SER B 9 -9.04 7.58 -14.32
C SER B 9 -7.85 6.92 -13.61
N TYR B 10 -7.57 7.31 -12.40
CA TYR B 10 -6.43 6.70 -11.65
C TYR B 10 -6.96 5.88 -10.48
N ASP B 11 -6.53 4.65 -10.36
CA ASP B 11 -7.01 3.80 -9.24
C ASP B 11 -5.99 2.71 -8.91
N LEU B 12 -4.73 3.00 -9.10
CA LEU B 12 -3.69 1.97 -8.80
C LEU B 12 -2.30 2.59 -8.89
N GLY B 13 -1.57 2.62 -7.81
CA GLY B 13 -0.20 3.21 -7.83
C GLY B 13 0.63 2.64 -6.68
N LYS B 14 0.12 2.70 -5.49
CA LYS B 14 0.88 2.18 -4.32
C LYS B 14 0.34 0.81 -3.90
N LYS B 15 0.98 0.17 -2.96
CA LYS B 15 0.49 -1.16 -2.49
C LYS B 15 0.67 -1.29 -0.98
N PRO B 16 -0.18 -2.11 -0.40
CA PRO B 16 -0.13 -2.33 1.07
C PRO B 16 1.09 -3.18 1.44
N ILE B 17 1.51 -3.10 2.68
CA ILE B 17 2.68 -3.90 3.13
C ILE B 17 2.61 -4.10 4.64
N TYR B 18 1.58 -4.76 5.11
CA TYR B 18 1.45 -4.98 6.57
C TYR B 18 2.52 -5.96 7.09
N LYS B 19 2.51 -6.22 8.38
CA LYS B 19 3.50 -7.15 8.97
C LYS B 19 4.90 -6.54 8.88
N LYS B 20 5.50 -6.24 10.00
CA LYS B 20 6.86 -5.64 10.00
C LYS B 20 7.42 -5.59 11.42
N ALA B 21 7.41 -6.69 12.11
CA ALA B 21 7.96 -6.71 13.50
C ALA B 21 8.06 -8.14 14.00
N PRO B 22 9.14 -8.78 13.64
CA PRO B 22 9.38 -10.18 14.06
C PRO B 22 9.77 -10.23 15.54
N THR B 23 8.82 -10.45 16.41
CA THR B 23 9.13 -10.50 17.86
C THR B 23 9.95 -9.28 18.27
N ASN B 24 9.29 -8.20 18.61
CA ASN B 24 10.03 -6.97 19.02
C ASN B 24 9.49 -6.45 20.35
N GLU B 25 9.88 -7.05 21.44
CA GLU B 25 9.39 -6.59 22.77
C GLU B 25 10.21 -5.40 23.25
N PHE B 26 9.84 -4.21 22.87
CA PHE B 26 10.61 -3.01 23.31
C PHE B 26 9.69 -1.79 23.41
N TYR B 27 10.25 -0.62 23.52
CA TYR B 27 9.41 0.61 23.63
C TYR B 27 9.92 1.70 22.69
N ALA B 28 9.13 2.69 22.42
CA ALA B 28 9.59 3.78 21.52
C ALA B 28 10.02 5.00 22.34
N ARG A 1 -20.87 2.90 -23.57
CA ARG A 1 -19.67 3.74 -23.81
C ARG A 1 -19.37 4.61 -22.57
N MET A 2 -18.13 4.92 -22.35
CA MET A 2 -17.78 5.75 -21.16
C MET A 2 -17.80 7.24 -21.54
N LYS A 3 -17.44 7.55 -22.76
CA LYS A 3 -17.44 8.98 -23.19
C LYS A 3 -16.69 9.84 -22.16
N LYS A 4 -15.39 9.82 -22.21
CA LYS A 4 -14.59 10.64 -21.24
C LYS A 4 -13.49 11.40 -21.97
N LYS A 5 -13.27 12.64 -21.59
CA LYS A 5 -12.20 13.43 -22.27
C LYS A 5 -11.31 14.10 -21.22
N ASP A 6 -10.11 13.61 -21.07
CA ASP A 6 -9.18 14.23 -20.06
C ASP A 6 -7.74 14.18 -20.56
N GLU A 7 -6.80 14.43 -19.70
CA GLU A 7 -5.37 14.40 -20.12
C GLU A 7 -4.58 13.41 -19.26
N GLY A 8 -4.08 13.85 -18.16
CA GLY A 8 -3.30 12.93 -17.27
C GLY A 8 -4.20 12.42 -16.15
N SER A 9 -4.55 11.16 -16.19
CA SER A 9 -5.43 10.59 -15.12
C SER A 9 -4.61 9.76 -14.14
N TYR A 10 -5.22 9.31 -13.08
CA TYR A 10 -4.47 8.49 -12.08
C TYR A 10 -5.44 7.80 -11.12
N ASP A 11 -5.05 6.69 -10.55
CA ASP A 11 -5.95 5.97 -9.61
C ASP A 11 -5.14 5.32 -8.48
N LEU A 12 -4.36 6.09 -7.77
CA LEU A 12 -3.56 5.51 -6.66
C LEU A 12 -4.47 5.11 -5.51
N GLY A 13 -5.40 4.23 -5.74
CA GLY A 13 -6.32 3.81 -4.64
C GLY A 13 -5.57 2.90 -3.68
N LYS A 14 -4.51 2.29 -4.12
CA LYS A 14 -3.73 1.38 -3.23
C LYS A 14 -2.84 2.21 -2.29
N LYS A 15 -2.50 1.66 -1.15
CA LYS A 15 -1.63 2.41 -0.20
C LYS A 15 -0.86 1.44 0.69
N PRO A 16 0.35 1.81 1.01
CA PRO A 16 1.21 0.95 1.87
C PRO A 16 0.72 0.98 3.31
N ILE A 17 1.07 -0.02 4.08
CA ILE A 17 0.63 -0.08 5.49
C ILE A 17 1.56 -0.99 6.30
N TYR A 18 2.78 -0.57 6.49
CA TYR A 18 3.73 -1.42 7.26
C TYR A 18 3.56 -1.18 8.77
N LYS A 19 2.79 -2.00 9.42
CA LYS A 19 2.58 -1.81 10.89
C LYS A 19 2.24 -3.14 11.57
N LYS A 20 2.46 -4.23 10.90
CA LYS A 20 2.15 -5.56 11.51
C LYS A 20 3.11 -5.85 12.66
N ALA A 21 2.94 -5.20 13.78
CA ALA A 21 3.85 -5.45 14.93
C ALA A 21 3.07 -6.01 16.12
N PRO A 22 2.95 -7.31 16.14
CA PRO A 22 2.24 -8.00 17.24
C PRO A 22 3.07 -7.99 18.52
N THR A 23 2.64 -8.70 19.53
CA THR A 23 3.42 -8.73 20.80
C THR A 23 4.75 -9.44 20.58
N ASN A 24 4.70 -10.70 20.25
CA ASN A 24 5.96 -11.47 20.02
C ASN A 24 5.67 -12.69 19.14
N GLU A 25 4.61 -13.39 19.40
CA GLU A 25 4.29 -14.60 18.57
C GLU A 25 3.33 -14.22 17.45
N PHE A 26 3.12 -15.11 16.50
CA PHE A 26 2.20 -14.80 15.38
C PHE A 26 0.75 -14.77 15.88
N TYR A 27 0.36 -13.70 16.53
CA TYR A 27 -1.03 -13.61 17.05
C TYR A 27 -1.95 -13.00 15.98
N ALA A 28 -2.97 -13.71 15.57
CA ALA A 28 -3.89 -13.18 14.54
C ALA A 28 -5.34 -13.37 14.97
N ARG B 1 2.57 19.18 -25.04
CA ARG B 1 1.26 18.47 -25.03
C ARG B 1 1.47 16.96 -24.85
N MET B 2 0.54 16.29 -24.25
CA MET B 2 0.68 14.82 -24.05
C MET B 2 0.09 14.06 -25.23
N LYS B 3 -0.96 14.59 -25.83
CA LYS B 3 -1.58 13.88 -26.99
C LYS B 3 -1.84 12.42 -26.65
N LYS B 4 -2.88 12.14 -25.92
CA LYS B 4 -3.19 10.73 -25.55
C LYS B 4 -4.67 10.43 -25.79
N LYS B 5 -4.98 9.27 -26.31
CA LYS B 5 -6.41 8.92 -26.57
C LYS B 5 -6.72 7.52 -26.01
N ASP B 6 -7.43 7.46 -24.92
CA ASP B 6 -7.77 6.13 -24.33
C ASP B 6 -9.16 6.16 -23.72
N GLU B 7 -9.50 5.17 -22.93
CA GLU B 7 -10.85 5.13 -22.30
C GLU B 7 -10.72 5.05 -20.78
N GLY B 8 -10.62 3.86 -20.27
CA GLY B 8 -10.50 3.68 -18.79
C GLY B 8 -9.02 3.52 -18.42
N SER B 9 -8.44 4.49 -17.80
CA SER B 9 -7.00 4.38 -17.41
C SER B 9 -6.88 4.08 -15.91
N TYR B 10 -5.68 3.81 -15.44
CA TYR B 10 -5.50 3.50 -13.99
C TYR B 10 -4.01 3.57 -13.63
N ASP B 11 -3.71 3.85 -12.39
CA ASP B 11 -2.28 3.92 -11.98
C ASP B 11 -2.11 3.41 -10.55
N LEU B 12 -2.54 2.20 -10.28
CA LEU B 12 -2.40 1.65 -8.90
C LEU B 12 -0.93 1.35 -8.59
N GLY B 13 -0.08 2.34 -8.66
CA GLY B 13 1.36 2.11 -8.36
C GLY B 13 1.55 1.90 -6.86
N LYS B 14 0.63 2.37 -6.06
CA LYS B 14 0.76 2.19 -4.59
C LYS B 14 0.36 0.77 -4.18
N LYS B 15 0.87 0.29 -3.08
CA LYS B 15 0.51 -1.09 -2.64
C LYS B 15 0.66 -1.21 -1.12
N PRO B 16 -0.21 -1.99 -0.53
CA PRO B 16 -0.18 -2.21 0.94
C PRO B 16 1.00 -3.08 1.34
N ILE B 17 1.43 -2.98 2.56
CA ILE B 17 2.58 -3.81 3.04
C ILE B 17 2.53 -3.96 4.55
N TYR B 18 1.57 -4.68 5.05
CA TYR B 18 1.47 -4.86 6.54
C TYR B 18 2.38 -6.00 6.99
N LYS B 19 3.57 -5.71 7.41
CA LYS B 19 4.49 -6.78 7.87
C LYS B 19 5.51 -6.24 8.89
N LYS B 20 5.26 -5.07 9.43
CA LYS B 20 6.20 -4.50 10.43
C LYS B 20 6.15 -5.32 11.73
N ALA B 21 6.74 -6.49 11.72
CA ALA B 21 6.72 -7.33 12.96
C ALA B 21 8.15 -7.56 13.46
N PRO B 22 8.60 -6.64 14.28
CA PRO B 22 9.96 -6.75 14.85
C PRO B 22 10.02 -7.83 15.93
N THR B 23 11.10 -7.92 16.64
CA THR B 23 11.20 -8.96 17.71
C THR B 23 10.23 -8.64 18.84
N ASN B 24 10.43 -7.54 19.50
CA ASN B 24 9.53 -7.15 20.63
C ASN B 24 9.59 -5.64 20.86
N GLU B 25 10.76 -5.08 20.85
CA GLU B 25 10.89 -3.61 21.08
C GLU B 25 10.92 -2.87 19.74
N PHE B 26 10.79 -1.57 19.77
CA PHE B 26 10.81 -0.78 18.51
C PHE B 26 12.22 -0.80 17.90
N TYR B 27 12.60 -1.88 17.28
CA TYR B 27 13.96 -1.95 16.67
C TYR B 27 13.92 -1.43 15.23
N ALA B 28 14.69 -0.41 14.94
CA ALA B 28 14.69 0.15 13.55
C ALA B 28 16.13 0.34 13.07
N ARG A 1 -29.92 7.32 2.63
CA ARG A 1 -29.09 6.34 1.84
C ARG A 1 -27.67 6.87 1.68
N MET A 2 -26.87 6.79 2.72
CA MET A 2 -25.47 7.28 2.62
C MET A 2 -24.59 6.23 1.96
N LYS A 3 -24.37 6.34 0.67
CA LYS A 3 -23.51 5.34 -0.03
C LYS A 3 -23.00 5.92 -1.34
N LYS A 4 -22.21 6.96 -1.28
CA LYS A 4 -21.67 7.57 -2.53
C LYS A 4 -20.18 7.88 -2.37
N LYS A 5 -19.35 7.31 -3.20
CA LYS A 5 -17.89 7.58 -3.09
C LYS A 5 -17.25 7.64 -4.49
N ASP A 6 -16.59 8.72 -4.79
CA ASP A 6 -15.94 8.84 -6.14
C ASP A 6 -14.53 8.27 -6.10
N GLU A 7 -13.94 8.04 -7.24
CA GLU A 7 -12.56 7.49 -7.27
C GLU A 7 -11.56 8.56 -7.71
N GLY A 8 -10.29 8.25 -7.71
CA GLY A 8 -9.28 9.26 -8.13
C GLY A 8 -9.13 9.23 -9.66
N SER A 9 -8.48 8.24 -10.18
CA SER A 9 -8.31 8.15 -11.66
C SER A 9 -8.42 6.69 -12.12
N TYR A 10 -7.35 5.94 -11.99
CA TYR A 10 -7.40 4.52 -12.42
C TYR A 10 -7.45 3.60 -11.20
N ASP A 11 -6.44 3.63 -10.38
CA ASP A 11 -6.44 2.76 -9.17
C ASP A 11 -5.33 3.17 -8.22
N LEU A 12 -5.07 4.45 -8.12
CA LEU A 12 -4.01 4.93 -7.20
C LEU A 12 -4.53 4.96 -5.76
N GLY A 13 -5.71 4.47 -5.54
CA GLY A 13 -6.27 4.47 -4.16
C GLY A 13 -5.49 3.45 -3.31
N LYS A 14 -4.62 2.69 -3.93
CA LYS A 14 -3.82 1.70 -3.17
C LYS A 14 -2.71 2.40 -2.39
N LYS A 15 -2.37 1.91 -1.22
CA LYS A 15 -1.29 2.56 -0.43
C LYS A 15 -0.63 1.53 0.50
N PRO A 16 0.61 1.79 0.83
CA PRO A 16 1.37 0.89 1.72
C PRO A 16 0.90 1.02 3.17
N ILE A 17 1.15 0.03 3.99
CA ILE A 17 0.73 0.09 5.40
C ILE A 17 1.51 -0.92 6.23
N TYR A 18 2.79 -0.69 6.41
CA TYR A 18 3.63 -1.64 7.19
C TYR A 18 3.45 -1.44 8.71
N LYS A 19 4.40 -1.88 9.48
CA LYS A 19 4.31 -1.74 10.95
C LYS A 19 3.11 -2.50 11.50
N LYS A 20 3.29 -3.76 11.82
CA LYS A 20 2.15 -4.56 12.37
C LYS A 20 2.60 -5.99 12.65
N ALA A 21 3.06 -6.25 13.84
CA ALA A 21 3.52 -7.65 14.18
C ALA A 21 3.72 -7.78 15.70
N PRO A 22 2.62 -7.84 16.40
CA PRO A 22 2.66 -7.97 17.87
C PRO A 22 3.09 -9.39 18.27
N THR A 23 4.31 -9.75 18.00
CA THR A 23 4.78 -11.11 18.38
C THR A 23 6.31 -11.16 18.42
N ASN A 24 6.87 -11.84 19.38
CA ASN A 24 8.35 -11.91 19.48
C ASN A 24 8.86 -13.19 18.81
N GLU A 25 8.18 -14.29 19.03
CA GLU A 25 8.63 -15.57 18.41
C GLU A 25 7.62 -16.01 17.34
N PHE A 26 8.03 -16.89 16.46
CA PHE A 26 7.11 -17.36 15.39
C PHE A 26 5.83 -17.92 16.01
N TYR A 27 4.94 -18.44 15.21
CA TYR A 27 3.67 -19.00 15.75
C TYR A 27 3.11 -20.06 14.80
N ALA A 28 1.91 -20.51 15.04
CA ALA A 28 1.31 -21.54 14.15
C ALA A 28 -0.21 -21.35 14.06
N ARG B 1 23.16 1.22 -20.36
CA ARG B 1 22.32 2.19 -19.62
C ARG B 1 20.97 1.56 -19.27
N MET B 2 20.94 0.71 -18.28
CA MET B 2 19.67 0.06 -17.87
C MET B 2 18.86 0.99 -16.99
N LYS B 3 17.93 1.72 -17.56
CA LYS B 3 17.10 2.65 -16.74
C LYS B 3 15.81 3.00 -17.47
N LYS B 4 14.97 2.02 -17.71
CA LYS B 4 13.69 2.29 -18.41
C LYS B 4 12.53 1.56 -17.72
N LYS B 5 11.55 2.29 -17.27
CA LYS B 5 10.40 1.65 -16.58
C LYS B 5 9.09 2.36 -16.93
N ASP B 6 8.12 1.65 -17.45
CA ASP B 6 6.83 2.29 -17.81
C ASP B 6 5.88 2.28 -16.61
N GLU B 7 4.82 3.04 -16.68
CA GLU B 7 3.86 3.08 -15.55
C GLU B 7 2.56 2.36 -15.94
N GLY B 8 1.64 2.24 -15.01
CA GLY B 8 0.35 1.55 -15.34
C GLY B 8 -0.61 2.55 -15.96
N SER B 9 -1.17 3.42 -15.18
CA SER B 9 -2.14 4.42 -15.73
C SER B 9 -1.96 5.76 -15.02
N TYR B 10 -2.53 5.91 -13.86
CA TYR B 10 -2.39 7.20 -13.11
C TYR B 10 -1.42 7.03 -11.94
N ASP B 11 -1.76 6.18 -11.01
CA ASP B 11 -0.85 5.97 -9.84
C ASP B 11 -1.29 4.73 -9.04
N LEU B 12 -1.76 3.73 -9.72
CA LEU B 12 -2.20 2.49 -9.01
C LEU B 12 -0.98 1.64 -8.64
N GLY B 13 0.21 2.15 -8.86
CA GLY B 13 1.42 1.38 -8.51
C GLY B 13 1.54 1.30 -6.98
N LYS B 14 0.69 2.00 -6.28
CA LYS B 14 0.74 1.97 -4.79
C LYS B 14 0.14 0.67 -4.27
N LYS B 15 0.65 0.12 -3.20
CA LYS B 15 0.09 -1.15 -2.65
C LYS B 15 0.36 -1.24 -1.15
N PRO B 16 -0.49 -1.97 -0.48
CA PRO B 16 -0.36 -2.15 0.98
C PRO B 16 0.79 -3.09 1.31
N ILE B 17 1.29 -3.03 2.52
CA ILE B 17 2.42 -3.91 2.92
C ILE B 17 2.52 -3.98 4.45
N TYR B 18 1.56 -4.59 5.08
CA TYR B 18 1.58 -4.68 6.57
C TYR B 18 2.52 -5.79 7.05
N LYS B 19 2.32 -6.25 8.26
CA LYS B 19 3.19 -7.32 8.82
C LYS B 19 4.64 -6.85 8.92
N LYS B 20 5.00 -6.24 10.03
CA LYS B 20 6.41 -5.77 10.20
C LYS B 20 6.57 -5.08 11.56
N ALA B 21 6.93 -5.82 12.56
CA ALA B 21 7.10 -5.20 13.92
C ALA B 21 7.84 -6.18 14.84
N PRO B 22 9.11 -6.31 14.60
CA PRO B 22 9.94 -7.22 15.43
C PRO B 22 10.19 -6.62 16.82
N THR B 23 9.16 -6.53 17.62
CA THR B 23 9.34 -5.96 18.99
C THR B 23 8.17 -6.37 19.89
N ASN B 24 8.45 -6.70 21.11
CA ASN B 24 7.36 -7.11 22.05
C ASN B 24 6.89 -5.92 22.88
N GLU B 25 7.82 -5.13 23.35
CA GLU B 25 7.43 -3.94 24.17
C GLU B 25 7.71 -2.64 23.41
N PHE B 26 7.11 -1.56 23.81
CA PHE B 26 7.35 -0.27 23.11
C PHE B 26 8.85 0.05 23.06
N TYR B 27 9.21 1.19 22.55
CA TYR B 27 10.65 1.55 22.48
C TYR B 27 10.82 3.06 22.44
N ALA B 28 12.00 3.54 22.19
CA ALA B 28 12.23 5.01 22.13
C ALA B 28 13.32 5.35 21.11
N ARG A 1 -11.06 11.84 12.92
CA ARG A 1 -11.78 12.46 11.77
C ARG A 1 -10.79 12.87 10.67
N MET A 2 -9.88 12.00 10.35
CA MET A 2 -8.88 12.32 9.28
C MET A 2 -9.59 12.62 7.96
N LYS A 3 -9.06 13.52 7.18
CA LYS A 3 -9.71 13.85 5.88
C LYS A 3 -8.84 13.35 4.72
N LYS A 4 -9.40 13.27 3.54
CA LYS A 4 -8.61 12.79 2.37
C LYS A 4 -8.93 13.63 1.13
N LYS A 5 -8.51 13.20 -0.03
CA LYS A 5 -8.78 13.97 -1.26
C LYS A 5 -8.72 13.06 -2.49
N ASP A 6 -9.82 12.44 -2.84
CA ASP A 6 -9.81 11.55 -4.03
C ASP A 6 -10.56 12.19 -5.20
N GLU A 7 -9.96 13.17 -5.83
CA GLU A 7 -10.64 13.83 -6.98
C GLU A 7 -9.70 13.89 -8.19
N GLY A 8 -8.78 12.97 -8.29
CA GLY A 8 -7.84 12.98 -9.44
C GLY A 8 -7.26 11.57 -9.63
N SER A 9 -7.91 10.75 -10.41
CA SER A 9 -7.39 9.37 -10.63
C SER A 9 -6.19 9.39 -11.59
N TYR A 10 -5.24 8.54 -11.38
CA TYR A 10 -4.04 8.51 -12.27
C TYR A 10 -3.42 7.11 -12.28
N ASP A 11 -2.81 6.71 -11.20
CA ASP A 11 -2.19 5.36 -11.15
C ASP A 11 -1.88 4.97 -9.70
N LEU A 12 -2.67 5.43 -8.77
CA LEU A 12 -2.43 5.10 -7.35
C LEU A 12 -3.77 4.90 -6.61
N GLY A 13 -3.81 4.01 -5.66
CA GLY A 13 -5.08 3.78 -4.92
C GLY A 13 -4.77 3.16 -3.55
N LYS A 14 -4.01 2.09 -3.54
CA LYS A 14 -3.68 1.44 -2.24
C LYS A 14 -2.40 2.04 -1.65
N LYS A 15 -2.27 2.04 -0.35
CA LYS A 15 -1.05 2.61 0.29
C LYS A 15 -0.33 1.54 1.12
N PRO A 16 0.97 1.70 1.20
CA PRO A 16 1.81 0.76 1.98
C PRO A 16 1.64 0.99 3.48
N ILE A 17 1.13 0.02 4.19
CA ILE A 17 0.94 0.18 5.66
C ILE A 17 1.83 -0.80 6.42
N TYR A 18 3.12 -0.74 6.21
CA TYR A 18 4.03 -1.67 6.92
C TYR A 18 4.09 -1.33 8.41
N LYS A 19 3.32 -2.03 9.22
CA LYS A 19 3.34 -1.73 10.68
C LYS A 19 2.59 -2.82 11.46
N LYS A 20 2.47 -3.99 10.92
CA LYS A 20 1.75 -5.08 11.65
C LYS A 20 2.61 -6.34 11.70
N ALA A 21 2.46 -7.13 12.73
CA ALA A 21 3.27 -8.38 12.83
C ALA A 21 2.63 -9.34 13.84
N PRO A 22 2.70 -10.61 13.52
CA PRO A 22 2.12 -11.65 14.41
C PRO A 22 3.00 -11.85 15.64
N THR A 23 4.16 -11.26 15.67
CA THR A 23 5.05 -11.43 16.85
C THR A 23 6.31 -10.56 16.69
N ASN A 24 7.38 -10.95 17.33
CA ASN A 24 8.64 -10.15 17.21
C ASN A 24 9.65 -10.88 16.32
N GLU A 25 9.44 -10.84 15.03
CA GLU A 25 10.39 -11.53 14.10
C GLU A 25 10.51 -10.75 12.79
N PHE A 26 11.70 -10.58 12.30
CA PHE A 26 11.88 -9.82 11.02
C PHE A 26 12.32 -10.77 9.90
N TYR A 27 11.55 -10.84 8.84
CA TYR A 27 11.92 -11.74 7.71
C TYR A 27 11.96 -10.95 6.40
N ALA A 28 13.09 -10.96 5.74
CA ALA A 28 13.20 -10.22 4.46
C ALA A 28 14.43 -10.67 3.68
N ARG B 1 12.99 -13.93 -8.07
CA ARG B 1 12.75 -13.41 -9.45
C ARG B 1 11.26 -13.21 -9.69
N MET B 2 10.57 -12.62 -8.74
CA MET B 2 9.10 -12.41 -8.91
C MET B 2 8.84 -11.53 -10.15
N LYS B 3 7.75 -11.77 -10.83
CA LYS B 3 7.45 -10.95 -12.03
C LYS B 3 6.24 -10.05 -11.77
N LYS B 4 6.03 -9.06 -12.58
CA LYS B 4 4.87 -8.15 -12.37
C LYS B 4 4.20 -7.82 -13.71
N LYS B 5 3.33 -6.84 -13.74
CA LYS B 5 2.66 -6.47 -15.00
C LYS B 5 2.14 -5.04 -14.93
N ASP B 6 2.95 -4.09 -15.30
CA ASP B 6 2.51 -2.66 -15.24
C ASP B 6 2.27 -2.12 -16.66
N GLU B 7 1.20 -2.52 -17.29
CA GLU B 7 0.92 -2.04 -18.66
C GLU B 7 -0.52 -1.51 -18.76
N GLY B 8 -1.06 -1.05 -17.66
CA GLY B 8 -2.45 -0.52 -17.69
C GLY B 8 -2.68 0.42 -16.51
N SER B 9 -2.40 1.68 -16.68
CA SER B 9 -2.59 2.65 -15.56
C SER B 9 -4.08 2.96 -15.37
N TYR B 10 -4.50 3.17 -14.15
CA TYR B 10 -5.93 3.47 -13.90
C TYR B 10 -6.07 4.28 -12.61
N ASP B 11 -5.84 3.66 -11.48
CA ASP B 11 -5.97 4.40 -10.18
C ASP B 11 -5.29 3.60 -9.06
N LEU B 12 -4.26 2.87 -9.37
CA LEU B 12 -3.56 2.07 -8.33
C LEU B 12 -2.05 2.07 -8.59
N GLY B 13 -1.26 2.06 -7.55
CA GLY B 13 0.23 2.05 -7.75
C GLY B 13 0.91 1.48 -6.50
N LYS B 14 0.58 2.00 -5.35
CA LYS B 14 1.22 1.49 -4.10
C LYS B 14 0.40 0.34 -3.51
N LYS B 15 1.04 -0.56 -2.82
CA LYS B 15 0.30 -1.71 -2.23
C LYS B 15 0.46 -1.74 -0.70
N PRO B 16 -0.55 -2.24 -0.05
CA PRO B 16 -0.54 -2.33 1.44
C PRO B 16 0.39 -3.46 1.90
N ILE B 17 1.44 -3.14 2.61
CA ILE B 17 2.36 -4.19 3.09
C ILE B 17 2.35 -4.26 4.62
N TYR B 18 1.19 -4.49 5.19
CA TYR B 18 1.11 -4.57 6.69
C TYR B 18 1.83 -5.82 7.19
N LYS B 19 3.05 -5.69 7.62
CA LYS B 19 3.80 -6.88 8.12
C LYS B 19 5.10 -6.46 8.80
N LYS B 20 5.18 -5.25 9.29
CA LYS B 20 6.43 -4.81 9.97
C LYS B 20 6.09 -4.19 11.33
N ALA B 21 7.00 -4.29 12.28
CA ALA B 21 6.74 -3.72 13.63
C ALA B 21 8.05 -3.57 14.40
N PRO B 22 8.13 -2.50 15.15
CA PRO B 22 9.35 -2.22 15.95
C PRO B 22 9.41 -3.14 17.17
N THR B 23 8.36 -3.87 17.42
CA THR B 23 8.36 -4.79 18.60
C THR B 23 7.07 -5.61 18.64
N ASN B 24 6.68 -6.06 19.81
CA ASN B 24 5.43 -6.87 19.91
C ASN B 24 4.32 -6.03 20.54
N GLU B 25 3.74 -5.14 19.79
CA GLU B 25 2.65 -4.29 20.35
C GLU B 25 1.61 -3.97 19.26
N PHE B 26 0.35 -4.07 19.57
CA PHE B 26 -0.70 -3.78 18.56
C PHE B 26 -1.43 -2.49 18.90
N TYR B 27 -1.41 -1.53 18.01
CA TYR B 27 -2.11 -0.25 18.30
C TYR B 27 -3.09 0.09 17.16
N ALA B 28 -4.34 0.24 17.48
CA ALA B 28 -5.35 0.56 16.42
C ALA B 28 -6.64 1.08 17.06
N ARG A 1 -15.80 26.34 -2.77
CA ARG A 1 -16.15 25.24 -1.82
C ARG A 1 -15.36 23.97 -2.18
N MET A 2 -15.56 22.92 -1.43
CA MET A 2 -14.82 21.65 -1.73
C MET A 2 -15.80 20.48 -1.84
N LYS A 3 -15.56 19.59 -2.77
CA LYS A 3 -16.48 18.43 -2.93
C LYS A 3 -15.81 17.33 -3.76
N LYS A 4 -14.53 17.12 -3.56
CA LYS A 4 -13.83 16.07 -4.34
C LYS A 4 -14.09 16.25 -5.83
N LYS A 5 -14.27 17.47 -6.27
CA LYS A 5 -14.54 17.70 -7.72
C LYS A 5 -13.32 17.28 -8.55
N ASP A 6 -12.20 17.89 -8.33
CA ASP A 6 -10.98 17.52 -9.10
C ASP A 6 -10.69 16.02 -8.95
N GLU A 7 -10.71 15.28 -10.02
CA GLU A 7 -10.43 13.82 -9.93
C GLU A 7 -9.13 13.47 -10.63
N GLY A 8 -8.14 13.04 -9.90
CA GLY A 8 -6.83 12.69 -10.52
C GLY A 8 -6.68 11.17 -10.58
N SER A 9 -7.00 10.57 -11.69
CA SER A 9 -6.88 9.09 -11.80
C SER A 9 -5.78 8.72 -12.81
N TYR A 10 -4.78 8.01 -12.37
CA TYR A 10 -3.67 7.63 -13.29
C TYR A 10 -2.94 6.40 -12.73
N ASP A 11 -2.52 6.46 -11.51
CA ASP A 11 -1.80 5.31 -10.90
C ASP A 11 -1.87 5.40 -9.37
N LEU A 12 -3.06 5.38 -8.82
CA LEU A 12 -3.19 5.46 -7.34
C LEU A 12 -4.48 4.76 -6.89
N GLY A 13 -4.36 3.84 -5.98
CA GLY A 13 -5.58 3.13 -5.50
C GLY A 13 -5.24 2.37 -4.21
N LYS A 14 -4.17 1.62 -4.22
CA LYS A 14 -3.79 0.85 -3.00
C LYS A 14 -2.91 1.73 -2.09
N LYS A 15 -2.64 1.27 -0.90
CA LYS A 15 -1.80 2.07 0.03
C LYS A 15 -0.97 1.14 0.92
N PRO A 16 0.12 1.66 1.42
CA PRO A 16 1.01 0.88 2.31
C PRO A 16 0.37 0.71 3.69
N ILE A 17 0.80 -0.28 4.43
CA ILE A 17 0.22 -0.50 5.79
C ILE A 17 1.23 -1.27 6.66
N TYR A 18 2.44 -0.79 6.74
CA TYR A 18 3.47 -1.49 7.57
C TYR A 18 3.15 -1.34 9.06
N LYS A 19 4.11 -1.57 9.91
CA LYS A 19 3.88 -1.45 11.37
C LYS A 19 2.72 -2.35 11.80
N LYS A 20 3.02 -3.56 12.19
CA LYS A 20 1.93 -4.49 12.63
C LYS A 20 1.46 -4.12 14.04
N ALA A 21 0.65 -4.94 14.64
CA ALA A 21 0.17 -4.64 16.02
C ALA A 21 1.29 -4.85 17.04
N PRO A 22 1.00 -4.51 18.26
CA PRO A 22 2.00 -4.65 19.35
C PRO A 22 2.18 -6.13 19.70
N THR A 23 2.80 -6.89 18.84
CA THR A 23 3.00 -8.33 19.13
C THR A 23 4.28 -8.84 18.45
N ASN A 24 4.56 -10.11 18.54
CA ASN A 24 5.80 -10.65 17.91
C ASN A 24 5.44 -11.36 16.59
N GLU A 25 4.44 -12.18 16.60
CA GLU A 25 4.05 -12.89 15.35
C GLU A 25 2.59 -12.61 15.02
N PHE A 26 1.69 -13.31 15.66
CA PHE A 26 0.24 -13.09 15.39
C PHE A 26 -0.53 -12.98 16.71
N TYR A 27 -0.65 -14.06 17.42
CA TYR A 27 -1.39 -14.02 18.72
C TYR A 27 -0.69 -14.92 19.75
N ALA A 28 -1.06 -14.80 21.00
CA ALA A 28 -0.43 -15.64 22.05
C ALA A 28 -1.10 -17.01 22.11
N ARG B 1 4.07 -12.24 -28.01
CA ARG B 1 5.15 -12.03 -27.02
C ARG B 1 4.66 -11.12 -25.89
N MET B 2 5.50 -10.84 -24.94
CA MET B 2 5.08 -9.97 -23.81
C MET B 2 6.09 -8.83 -23.61
N LYS B 3 5.61 -7.64 -23.32
CA LYS B 3 6.54 -6.50 -23.13
C LYS B 3 5.82 -5.35 -22.40
N LYS B 4 5.00 -5.67 -21.45
CA LYS B 4 4.27 -4.59 -20.71
C LYS B 4 3.58 -3.64 -21.70
N LYS B 5 3.18 -4.14 -22.84
CA LYS B 5 2.51 -3.26 -23.83
C LYS B 5 1.20 -2.71 -23.27
N ASP B 6 0.29 -3.58 -22.93
CA ASP B 6 -1.01 -3.11 -22.37
C ASP B 6 -0.77 -2.25 -21.12
N GLU B 7 -1.17 -1.01 -21.15
CA GLU B 7 -0.96 -0.13 -19.96
C GLU B 7 -2.30 0.24 -19.33
N GLY B 8 -2.54 -0.21 -18.12
CA GLY B 8 -3.84 0.13 -17.46
C GLY B 8 -3.59 1.17 -16.37
N SER B 9 -3.80 2.42 -16.68
CA SER B 9 -3.59 3.49 -15.66
C SER B 9 -4.93 4.13 -15.27
N TYR B 10 -5.28 4.07 -14.03
CA TYR B 10 -6.56 4.68 -13.58
C TYR B 10 -6.53 4.96 -12.08
N ASP B 11 -6.18 3.98 -11.30
CA ASP B 11 -6.11 4.18 -9.82
C ASP B 11 -5.21 3.12 -9.19
N LEU B 12 -3.98 3.06 -9.59
CA LEU B 12 -3.06 2.03 -9.01
C LEU B 12 -1.61 2.55 -9.05
N GLY B 13 -0.94 2.52 -7.93
CA GLY B 13 0.47 3.00 -7.89
C GLY B 13 1.11 2.56 -6.57
N LYS B 14 0.47 2.82 -5.47
CA LYS B 14 1.04 2.42 -4.15
C LYS B 14 0.64 0.99 -3.82
N LYS B 15 1.21 0.43 -2.79
CA LYS B 15 0.86 -0.97 -2.41
C LYS B 15 0.95 -1.15 -0.89
N PRO B 16 0.25 -2.12 -0.40
CA PRO B 16 0.24 -2.42 1.06
C PRO B 16 1.57 -3.06 1.48
N ILE B 17 1.89 -3.00 2.74
CA ILE B 17 3.16 -3.61 3.21
C ILE B 17 3.05 -3.93 4.71
N TYR B 18 2.03 -4.63 5.10
CA TYR B 18 1.87 -4.97 6.55
C TYR B 18 2.92 -6.00 6.98
N LYS B 19 2.69 -6.66 8.08
CA LYS B 19 3.68 -7.68 8.57
C LYS B 19 5.06 -7.05 8.73
N LYS B 20 5.36 -6.55 9.90
CA LYS B 20 6.69 -5.92 10.13
C LYS B 20 7.76 -7.01 10.29
N ALA B 21 8.94 -6.64 10.67
CA ALA B 21 10.02 -7.65 10.84
C ALA B 21 9.76 -8.49 12.11
N PRO B 22 10.59 -9.48 12.29
CA PRO B 22 10.45 -10.37 13.48
C PRO B 22 10.89 -9.63 14.75
N THR B 23 10.10 -8.69 15.20
CA THR B 23 10.48 -7.95 16.43
C THR B 23 9.22 -7.47 17.16
N ASN B 24 9.38 -6.73 18.22
CA ASN B 24 8.20 -6.23 18.98
C ASN B 24 7.91 -4.77 18.62
N GLU B 25 8.91 -3.94 18.63
CA GLU B 25 8.71 -2.51 18.28
C GLU B 25 9.60 -2.10 17.12
N PHE B 26 10.84 -1.82 17.39
CA PHE B 26 11.78 -1.43 16.30
C PHE B 26 13.10 -2.19 16.43
N TYR B 27 13.87 -1.89 17.43
CA TYR B 27 15.17 -2.61 17.61
C TYR B 27 15.43 -2.86 19.10
N ALA B 28 16.39 -3.70 19.40
CA ALA B 28 16.70 -3.99 20.83
C ALA B 28 17.62 -2.92 21.41
#